data_1NA6
#
_entry.id   1NA6
#
_cell.length_a   58.746
_cell.length_b   92.360
_cell.length_c   88.308
_cell.angle_alpha   90.00
_cell.angle_beta   108.08
_cell.angle_gamma   90.00
#
_symmetry.space_group_name_H-M   'P 1 21 1'
#
loop_
_entity.id
_entity.type
_entity.pdbx_description
1 polymer 'Restriction endonuclease EcoRII'
2 water water
#
_entity_poly.entity_id   1
_entity_poly.type   'polypeptide(L)'
_entity_poly.pdbx_seq_one_letter_code
;MLMSVFHNWLLEIACENYFVYIKRLSANDTGATGGHQVGLYIPSGIVEKLFPSINHTRELNPSVFLTAHVSSHDCPDSEA
RAIYYNSAHFGKTRNEKRITRWGRGSPLQDPENTGALTLLAFKLDEQGGDCKEVNIWVCASTDEEDVIETAIGEVIPGAL
ISGPAGQILGGLSLQQAPVNHKYILPEDWHLRFPSGSEIIQYAASHYVKNSLDPDEQLLDRRRVEYDIFLLVEELHVLDI
IRKGFGSVDEFIALANSVSNRRKSRAGKSLELHLEHLFIEHGLRHFATQAITEGNKKPDFLFPSAGAYHDTEFPVENLRM
LAVKTTCKDRWRQILNEADKIHQVHLFTLQEGVSLAQYREMRESGVRLVVPSSLHKKYPEAVRAELMTLGAFIAELTGLY
ADIP
;
_entity_poly.pdbx_strand_id   A,B
#
# COMPACT_ATOMS: atom_id res chain seq x y z
N SER A 4 3.47 -1.00 9.92
CA SER A 4 2.68 0.18 10.36
C SER A 4 3.50 1.44 10.18
N VAL A 5 4.73 1.41 10.67
CA VAL A 5 5.62 2.55 10.55
C VAL A 5 5.91 2.87 9.08
N PHE A 6 6.22 1.84 8.29
CA PHE A 6 6.52 2.04 6.88
C PHE A 6 5.30 2.64 6.19
N HIS A 7 4.13 2.06 6.48
CA HIS A 7 2.86 2.54 5.94
C HIS A 7 2.70 4.05 6.15
N ASN A 8 2.96 4.51 7.37
CA ASN A 8 2.84 5.92 7.70
C ASN A 8 4.03 6.74 7.15
N TRP A 9 5.20 6.13 7.09
CA TRP A 9 6.38 6.82 6.56
C TRP A 9 6.13 7.22 5.11
N LEU A 10 5.64 6.26 4.32
CA LEU A 10 5.38 6.52 2.91
C LEU A 10 4.48 7.72 2.71
N LEU A 11 3.39 7.80 3.47
CA LEU A 11 2.48 8.93 3.34
C LEU A 11 3.14 10.23 3.77
N GLU A 12 3.96 10.17 4.82
CA GLU A 12 4.69 11.33 5.31
C GLU A 12 5.57 11.88 4.19
N ILE A 13 6.35 11.00 3.57
CA ILE A 13 7.26 11.38 2.47
C ILE A 13 6.53 11.91 1.25
N ALA A 14 5.42 11.27 0.91
CA ALA A 14 4.63 11.65 -0.25
C ALA A 14 4.13 13.09 -0.18
N CYS A 15 3.81 13.56 1.01
CA CYS A 15 3.27 14.92 1.17
C CYS A 15 4.22 16.01 1.63
N GLU A 16 5.43 15.61 2.02
CA GLU A 16 6.42 16.59 2.43
C GLU A 16 7.47 16.71 1.32
N ASN A 17 7.64 17.92 0.80
CA ASN A 17 8.56 18.22 -0.30
C ASN A 17 9.85 17.37 -0.32
N TYR A 18 9.71 16.14 -0.80
CA TYR A 18 10.82 15.20 -0.90
C TYR A 18 11.04 14.79 -2.35
N PHE A 19 12.27 14.33 -2.61
CA PHE A 19 12.65 13.80 -3.91
C PHE A 19 12.99 12.37 -3.50
N VAL A 20 12.38 11.38 -4.14
CA VAL A 20 12.64 10.00 -3.79
C VAL A 20 13.43 9.25 -4.85
N TYR A 21 14.28 8.33 -4.39
CA TYR A 21 15.12 7.51 -5.25
C TYR A 21 14.93 6.08 -4.79
N ILE A 22 14.41 5.24 -5.68
CA ILE A 22 14.11 3.86 -5.34
C ILE A 22 14.84 2.90 -6.24
N LYS A 23 15.37 1.83 -5.66
CA LYS A 23 16.08 0.82 -6.43
C LYS A 23 16.34 -0.32 -5.48
N ARG A 24 16.72 -1.46 -6.03
CA ARG A 24 17.06 -2.62 -5.20
C ARG A 24 18.58 -2.59 -5.06
N LEU A 25 19.06 -2.79 -3.83
CA LEU A 25 20.49 -2.76 -3.56
C LEU A 25 21.29 -3.85 -4.26
N SER A 26 22.26 -3.43 -5.05
CA SER A 26 23.14 -4.36 -5.76
C SER A 26 24.25 -4.82 -4.82
N ALA A 27 25.10 -5.74 -5.28
CA ALA A 27 26.20 -6.25 -4.48
C ALA A 27 27.24 -5.15 -4.22
N ASN A 28 27.39 -4.26 -5.19
CA ASN A 28 28.34 -3.15 -5.06
C ASN A 28 27.81 -2.05 -4.16
N ASP A 29 26.50 -1.84 -4.19
CA ASP A 29 25.90 -0.81 -3.35
C ASP A 29 26.14 -1.16 -1.89
N THR A 30 26.00 -2.45 -1.59
CA THR A 30 26.16 -2.94 -0.23
C THR A 30 27.62 -3.14 0.15
N GLY A 31 28.39 -3.72 -0.77
CA GLY A 31 29.80 -3.97 -0.52
C GLY A 31 30.09 -5.46 -0.55
N ALA A 32 29.09 -6.27 -0.87
CA ALA A 32 29.26 -7.71 -0.92
C ALA A 32 30.21 -8.15 -2.05
N THR A 33 30.93 -7.19 -2.62
CA THR A 33 31.88 -7.48 -3.69
C THR A 33 33.09 -6.54 -3.63
N GLN A 37 34.13 0.60 1.11
CA GLN A 37 32.71 0.88 1.07
C GLN A 37 32.40 2.25 0.45
N VAL A 38 32.25 2.25 -0.87
CA VAL A 38 31.95 3.46 -1.63
C VAL A 38 30.52 3.95 -1.45
N GLY A 39 29.56 3.02 -1.53
CA GLY A 39 28.18 3.38 -1.36
C GLY A 39 27.27 3.16 -2.56
N LEU A 40 25.98 3.04 -2.28
CA LEU A 40 24.95 2.84 -3.27
C LEU A 40 25.14 3.72 -4.51
N TYR A 41 24.81 3.17 -5.68
CA TYR A 41 24.94 3.94 -6.93
C TYR A 41 23.76 4.89 -7.08
N ILE A 42 24.04 6.14 -7.42
CA ILE A 42 23.02 7.14 -7.62
C ILE A 42 23.46 7.98 -8.81
N PRO A 43 22.66 8.01 -9.88
CA PRO A 43 23.02 8.79 -11.07
C PRO A 43 23.63 10.14 -10.71
N SER A 44 24.81 10.42 -11.25
CA SER A 44 25.50 11.68 -10.99
C SER A 44 24.58 12.86 -11.26
N GLY A 45 23.71 12.69 -12.27
CA GLY A 45 22.79 13.74 -12.63
C GLY A 45 21.86 14.14 -11.49
N ILE A 46 21.37 13.15 -10.76
CA ILE A 46 20.48 13.40 -9.64
C ILE A 46 21.26 14.06 -8.48
N VAL A 47 22.42 13.52 -8.15
CA VAL A 47 23.25 14.08 -7.09
C VAL A 47 23.61 15.54 -7.38
N GLU A 48 23.87 15.83 -8.65
CA GLU A 48 24.21 17.18 -9.08
C GLU A 48 23.09 18.19 -8.81
N LYS A 49 21.85 17.77 -9.02
CA LYS A 49 20.71 18.64 -8.80
C LYS A 49 20.43 18.78 -7.30
N LEU A 50 20.66 17.70 -6.56
CA LEU A 50 20.45 17.68 -5.12
C LEU A 50 21.44 18.55 -4.32
N PHE A 51 22.66 18.72 -4.84
CA PHE A 51 23.68 19.53 -4.17
C PHE A 51 24.38 20.43 -5.17
N PRO A 52 23.67 21.44 -5.68
CA PRO A 52 24.15 22.42 -6.66
C PRO A 52 25.38 23.23 -6.28
N SER A 53 25.69 23.33 -5.00
CA SER A 53 26.84 24.12 -4.56
C SER A 53 28.19 23.47 -4.85
N ILE A 54 28.21 22.15 -4.99
CA ILE A 54 29.45 21.43 -5.27
C ILE A 54 29.82 21.34 -6.75
N ASN A 55 28.93 21.81 -7.62
CA ASN A 55 29.19 21.75 -9.06
C ASN A 55 30.07 22.92 -9.54
N HIS A 56 31.33 22.89 -9.13
CA HIS A 56 32.29 23.91 -9.53
C HIS A 56 33.69 23.30 -9.59
N THR A 57 34.65 24.07 -10.10
CA THR A 57 36.02 23.61 -10.21
C THR A 57 36.99 24.56 -9.51
N ARG A 58 36.47 25.30 -8.54
CA ARG A 58 37.28 26.26 -7.79
C ARG A 58 38.29 25.50 -6.92
N GLU A 59 38.16 24.18 -6.88
CA GLU A 59 39.05 23.33 -6.09
C GLU A 59 38.77 21.85 -6.38
N LEU A 60 39.71 20.98 -5.98
CA LEU A 60 39.57 19.55 -6.20
C LEU A 60 38.61 18.87 -5.23
N ASN A 61 37.80 17.96 -5.77
CA ASN A 61 36.79 17.20 -5.03
C ASN A 61 36.07 18.00 -3.96
N PRO A 62 35.38 19.08 -4.36
CA PRO A 62 34.65 19.89 -3.39
C PRO A 62 33.45 19.10 -2.89
N SER A 63 33.01 19.36 -1.66
CA SER A 63 31.87 18.61 -1.12
C SER A 63 31.10 19.30 0.00
N VAL A 64 29.98 18.68 0.39
CA VAL A 64 29.13 19.16 1.45
C VAL A 64 28.59 17.98 2.24
N PHE A 65 28.28 18.19 3.52
CA PHE A 65 27.75 17.11 4.35
C PHE A 65 26.23 17.21 4.38
N LEU A 66 25.57 16.07 4.59
CA LEU A 66 24.11 16.06 4.69
C LEU A 66 23.78 15.02 5.76
N THR A 67 22.73 15.30 6.52
CA THR A 67 22.34 14.37 7.58
C THR A 67 21.60 13.18 7.00
N ALA A 68 22.10 11.98 7.31
CA ALA A 68 21.48 10.75 6.86
C ALA A 68 20.72 10.15 8.03
N HIS A 69 19.39 10.18 7.95
CA HIS A 69 18.53 9.61 8.99
C HIS A 69 18.01 8.26 8.50
N VAL A 70 18.22 7.21 9.27
CA VAL A 70 17.73 5.89 8.86
C VAL A 70 16.39 5.62 9.54
N SER A 71 15.36 5.40 8.72
CA SER A 71 14.03 5.15 9.25
C SER A 71 13.63 3.68 9.27
N SER A 72 14.18 2.91 8.35
CA SER A 72 13.88 1.49 8.27
C SER A 72 14.48 0.70 9.42
N HIS A 73 15.52 1.25 10.03
CA HIS A 73 16.19 0.60 11.15
C HIS A 73 16.46 1.63 12.24
N ASP A 74 16.80 1.15 13.43
CA ASP A 74 17.09 2.04 14.53
C ASP A 74 18.61 2.28 14.62
N CYS A 75 19.08 3.23 13.83
CA CYS A 75 20.48 3.60 13.77
C CYS A 75 20.53 5.11 13.99
N PRO A 76 21.62 5.62 14.60
CA PRO A 76 21.76 7.06 14.85
C PRO A 76 22.08 7.86 13.59
N ASP A 77 21.68 9.13 13.58
CA ASP A 77 21.92 10.03 12.44
C ASP A 77 23.39 10.23 12.09
N SER A 78 23.87 9.51 11.08
CA SER A 78 25.25 9.66 10.65
C SER A 78 25.31 10.82 9.68
N GLU A 79 26.51 11.27 9.34
CA GLU A 79 26.68 12.37 8.43
C GLU A 79 27.34 11.85 7.15
N ALA A 80 26.62 11.87 6.03
CA ALA A 80 27.17 11.40 4.77
C ALA A 80 27.59 12.62 3.97
N ARG A 81 28.32 12.42 2.87
CA ARG A 81 28.74 13.57 2.10
C ARG A 81 28.59 13.46 0.59
N ALA A 82 28.21 14.58 -0.01
CA ALA A 82 28.02 14.68 -1.45
C ALA A 82 29.33 15.27 -1.93
N ILE A 83 30.00 14.55 -2.82
CA ILE A 83 31.29 15.00 -3.33
C ILE A 83 31.37 14.97 -4.84
N TYR A 84 31.86 16.07 -5.42
CA TYR A 84 32.03 16.17 -6.86
C TYR A 84 33.45 15.78 -7.23
N TYR A 85 33.65 14.54 -7.67
CA TYR A 85 34.98 14.10 -8.07
C TYR A 85 35.40 14.88 -9.30
N ASN A 86 36.19 15.91 -9.03
CA ASN A 86 36.69 16.88 -9.98
C ASN A 86 37.90 16.55 -10.86
N SER A 87 38.61 15.47 -10.55
CA SER A 87 39.82 15.09 -11.30
C SER A 87 40.05 15.69 -12.67
N ALA A 88 39.21 15.31 -13.63
CA ALA A 88 39.33 15.79 -15.01
C ALA A 88 39.74 17.25 -15.16
N HIS A 89 39.38 18.09 -14.20
CA HIS A 89 39.73 19.51 -14.27
C HIS A 89 40.98 19.82 -13.45
N PHE A 90 41.71 18.76 -13.09
CA PHE A 90 42.93 18.90 -12.31
C PHE A 90 43.97 17.87 -12.74
N GLY A 91 44.07 17.65 -14.06
CA GLY A 91 45.06 16.72 -14.57
C GLY A 91 44.64 15.27 -14.74
N LYS A 92 43.55 14.85 -14.10
CA LYS A 92 43.13 13.47 -14.23
C LYS A 92 41.91 13.26 -15.11
N THR A 93 41.00 12.37 -14.70
CA THR A 93 39.84 12.09 -15.53
C THR A 93 38.46 11.93 -14.85
N ARG A 94 38.36 12.24 -13.57
CA ARG A 94 37.08 12.10 -12.86
C ARG A 94 36.19 13.33 -12.97
N ASN A 95 34.93 13.12 -13.36
CA ASN A 95 33.96 14.21 -13.48
C ASN A 95 32.55 13.70 -13.24
N GLU A 96 32.26 13.39 -11.97
CA GLU A 96 30.96 12.85 -11.61
C GLU A 96 30.66 13.16 -10.14
N LYS A 97 29.41 13.52 -9.84
CA LYS A 97 29.01 13.81 -8.47
C LYS A 97 28.48 12.53 -7.81
N ARG A 98 28.89 12.31 -6.57
CA ARG A 98 28.46 11.12 -5.83
C ARG A 98 28.18 11.44 -4.37
N ILE A 99 27.64 10.46 -3.66
CA ILE A 99 27.36 10.59 -2.25
C ILE A 99 28.07 9.41 -1.61
N THR A 100 28.77 9.66 -0.51
CA THR A 100 29.49 8.57 0.13
C THR A 100 29.49 8.77 1.64
N ARG A 101 30.15 7.86 2.35
CA ARG A 101 30.22 7.90 3.80
C ARG A 101 28.83 7.76 4.43
N TRP A 102 28.09 6.74 4.02
CA TRP A 102 26.78 6.52 4.58
C TRP A 102 27.01 6.03 6.00
N GLY A 103 28.28 5.76 6.30
CA GLY A 103 28.66 5.27 7.62
C GLY A 103 28.68 3.76 7.58
N ARG A 104 29.48 3.15 8.43
CA ARG A 104 29.55 1.69 8.47
C ARG A 104 28.48 1.23 9.47
N GLY A 105 27.92 0.05 9.24
CA GLY A 105 26.89 -0.43 10.15
C GLY A 105 25.54 0.13 9.77
N SER A 106 25.50 0.81 8.62
CA SER A 106 24.27 1.38 8.09
C SER A 106 23.63 0.29 7.26
N PRO A 107 22.30 0.27 7.17
CA PRO A 107 21.63 -0.77 6.38
C PRO A 107 22.16 -0.84 4.95
N LEU A 108 22.51 0.31 4.39
CA LEU A 108 23.01 0.38 3.02
C LEU A 108 24.36 -0.32 2.87
N GLN A 109 25.16 -0.28 3.93
CA GLN A 109 26.49 -0.89 3.91
C GLN A 109 26.49 -2.30 4.52
N ASP A 110 25.34 -2.97 4.50
CA ASP A 110 25.21 -4.32 5.05
C ASP A 110 25.01 -5.34 3.94
N PRO A 111 26.04 -6.16 3.67
CA PRO A 111 25.97 -7.17 2.61
C PRO A 111 24.77 -8.12 2.68
N GLU A 112 24.12 -8.15 3.83
CA GLU A 112 22.97 -9.02 4.00
C GLU A 112 21.67 -8.42 3.48
N ASN A 113 21.71 -7.15 3.11
CA ASN A 113 20.56 -6.44 2.57
C ASN A 113 20.67 -6.40 1.05
N THR A 114 21.48 -7.30 0.49
CA THR A 114 21.67 -7.36 -0.95
C THR A 114 20.41 -7.89 -1.65
N GLY A 115 19.88 -7.07 -2.55
CA GLY A 115 18.68 -7.44 -3.27
C GLY A 115 17.44 -6.82 -2.65
N ALA A 116 17.61 -6.16 -1.53
CA ALA A 116 16.50 -5.53 -0.83
C ALA A 116 16.11 -4.21 -1.46
N LEU A 117 14.80 -3.94 -1.50
CA LEU A 117 14.26 -2.71 -2.06
C LEU A 117 14.57 -1.57 -1.11
N THR A 118 15.08 -0.47 -1.64
CA THR A 118 15.43 0.65 -0.79
C THR A 118 14.95 1.96 -1.36
N LEU A 119 14.60 2.89 -0.48
CA LEU A 119 14.13 4.19 -0.90
C LEU A 119 14.90 5.29 -0.17
N LEU A 120 15.34 6.30 -0.92
CA LEU A 120 16.04 7.43 -0.34
C LEU A 120 15.19 8.67 -0.57
N ALA A 121 14.72 9.27 0.52
CA ALA A 121 13.89 10.45 0.43
C ALA A 121 14.72 11.69 0.80
N PHE A 122 15.13 12.45 -0.21
CA PHE A 122 15.92 13.63 0.01
C PHE A 122 15.01 14.83 0.23
N LYS A 123 15.08 15.42 1.42
CA LYS A 123 14.27 16.58 1.74
C LYS A 123 14.72 17.74 0.87
N LEU A 124 13.77 18.39 0.19
CA LEU A 124 14.11 19.49 -0.70
C LEU A 124 13.96 20.87 -0.08
N ASP A 125 14.73 21.81 -0.64
CA ASP A 125 14.69 23.19 -0.22
C ASP A 125 13.97 23.97 -1.31
N GLU A 126 12.79 24.51 -0.97
CA GLU A 126 12.00 25.27 -1.93
C GLU A 126 12.70 26.53 -2.41
N GLN A 127 13.72 26.96 -1.68
CA GLN A 127 14.48 28.15 -2.04
C GLN A 127 15.49 27.83 -3.15
N GLY A 128 16.08 26.64 -3.09
CA GLY A 128 17.04 26.24 -4.12
C GLY A 128 18.41 25.80 -3.63
N GLY A 129 18.60 25.78 -2.31
CA GLY A 129 19.88 25.38 -1.75
C GLY A 129 20.10 23.88 -1.77
N ASP A 130 21.26 23.45 -1.30
CA ASP A 130 21.59 22.03 -1.28
C ASP A 130 20.67 21.25 -0.37
N CYS A 131 20.49 19.97 -0.67
CA CYS A 131 19.66 19.12 0.18
C CYS A 131 20.50 18.98 1.44
N LYS A 132 19.88 19.08 2.60
CA LYS A 132 20.63 18.96 3.84
C LYS A 132 20.25 17.73 4.65
N GLU A 133 19.25 16.99 4.18
CA GLU A 133 18.78 15.81 4.89
C GLU A 133 18.26 14.72 3.96
N VAL A 134 18.54 13.47 4.29
CA VAL A 134 18.05 12.35 3.49
C VAL A 134 17.48 11.25 4.42
N ASN A 135 16.22 10.88 4.16
CA ASN A 135 15.53 9.86 4.94
C ASN A 135 15.73 8.53 4.23
N ILE A 136 16.28 7.54 4.94
CA ILE A 136 16.57 6.24 4.34
C ILE A 136 15.64 5.10 4.77
N TRP A 137 15.18 4.29 3.82
CA TRP A 137 14.36 3.14 4.15
C TRP A 137 14.80 1.93 3.35
N VAL A 138 15.37 0.96 4.04
CA VAL A 138 15.83 -0.28 3.43
C VAL A 138 14.88 -1.37 3.91
N CYS A 139 14.06 -1.91 3.01
CA CYS A 139 13.09 -2.95 3.38
C CYS A 139 13.78 -4.18 3.98
N ALA A 140 13.40 -4.53 5.20
CA ALA A 140 13.99 -5.66 5.91
C ALA A 140 13.20 -6.95 5.81
N SER A 141 12.20 -6.98 4.93
CA SER A 141 11.36 -8.15 4.75
C SER A 141 10.53 -8.03 3.47
N THR A 142 10.01 -9.15 2.97
CA THR A 142 9.20 -9.08 1.75
C THR A 142 7.86 -8.45 2.10
N ASP A 143 7.47 -8.54 3.36
CA ASP A 143 6.21 -7.97 3.80
C ASP A 143 6.26 -6.46 3.62
N GLU A 144 7.42 -5.87 3.89
CA GLU A 144 7.56 -4.43 3.73
C GLU A 144 7.64 -4.12 2.24
N GLU A 145 8.29 -4.99 1.48
CA GLU A 145 8.42 -4.78 0.04
C GLU A 145 7.05 -4.89 -0.64
N ASP A 146 6.18 -5.72 -0.08
CA ASP A 146 4.84 -5.87 -0.65
C ASP A 146 4.09 -4.54 -0.51
N VAL A 147 4.24 -3.89 0.65
CA VAL A 147 3.59 -2.62 0.88
C VAL A 147 3.93 -1.63 -0.23
N ILE A 148 5.22 -1.38 -0.46
CA ILE A 148 5.57 -0.41 -1.47
C ILE A 148 5.30 -0.88 -2.90
N GLU A 149 5.58 -2.15 -3.19
CA GLU A 149 5.36 -2.63 -4.55
C GLU A 149 3.90 -2.75 -4.96
N THR A 150 2.99 -2.95 -4.00
CA THR A 150 1.57 -3.03 -4.35
C THR A 150 1.17 -1.65 -4.86
N ALA A 151 1.86 -0.63 -4.36
CA ALA A 151 1.58 0.75 -4.74
C ALA A 151 2.21 1.21 -6.04
N ILE A 152 3.53 1.09 -6.15
CA ILE A 152 4.24 1.57 -7.33
C ILE A 152 4.48 0.51 -8.38
N GLY A 153 4.19 -0.74 -8.05
CA GLY A 153 4.42 -1.81 -9.00
C GLY A 153 5.74 -2.48 -8.65
N GLU A 154 5.94 -3.69 -9.15
CA GLU A 154 7.16 -4.45 -8.90
C GLU A 154 8.42 -3.71 -9.33
N VAL A 155 9.44 -3.72 -8.47
CA VAL A 155 10.69 -3.07 -8.78
C VAL A 155 11.67 -4.14 -9.23
N ILE A 156 11.99 -4.10 -10.51
CA ILE A 156 12.89 -5.05 -11.14
C ILE A 156 14.34 -4.79 -10.75
N PRO A 157 15.11 -5.86 -10.52
CA PRO A 157 16.52 -5.63 -10.15
C PRO A 157 17.12 -4.77 -11.25
N GLY A 158 17.85 -3.72 -10.89
CA GLY A 158 18.45 -2.87 -11.88
C GLY A 158 17.60 -1.67 -12.27
N ALA A 159 16.32 -1.69 -11.90
CA ALA A 159 15.45 -0.57 -12.24
C ALA A 159 15.72 0.60 -11.30
N LEU A 160 15.61 1.81 -11.84
CA LEU A 160 15.83 3.01 -11.06
C LEU A 160 14.58 3.87 -11.17
N ILE A 161 13.99 4.21 -10.03
CA ILE A 161 12.78 5.05 -10.02
C ILE A 161 13.06 6.28 -9.17
N SER A 162 12.81 7.48 -9.70
CA SER A 162 13.05 8.69 -8.93
C SER A 162 12.23 9.88 -9.43
N GLY A 163 12.02 10.84 -8.54
CA GLY A 163 11.26 12.04 -8.88
C GLY A 163 10.52 12.60 -7.67
N PRO A 164 9.63 13.58 -7.88
CA PRO A 164 8.90 14.13 -6.74
C PRO A 164 8.14 12.99 -6.05
N ALA A 165 8.35 12.83 -4.75
CA ALA A 165 7.72 11.77 -3.98
C ALA A 165 6.19 11.71 -4.08
N GLY A 166 5.54 12.86 -4.21
CA GLY A 166 4.10 12.87 -4.30
C GLY A 166 3.53 12.47 -5.64
N GLN A 167 4.41 12.22 -6.61
CA GLN A 167 4.00 11.81 -7.95
C GLN A 167 4.33 10.33 -8.14
N ILE A 168 5.30 9.84 -7.38
CA ILE A 168 5.74 8.45 -7.45
C ILE A 168 4.91 7.58 -6.52
N LEU A 169 4.72 8.06 -5.30
CA LEU A 169 3.95 7.33 -4.29
C LEU A 169 2.49 7.77 -4.46
N GLY A 170 1.57 7.03 -3.87
CA GLY A 170 0.18 7.42 -4.03
C GLY A 170 -0.72 6.27 -4.42
N GLY A 171 -0.16 5.21 -4.97
CA GLY A 171 -1.00 4.06 -5.32
C GLY A 171 -1.06 3.68 -6.78
N LEU A 172 -0.69 4.58 -7.68
CA LEU A 172 -0.72 4.28 -9.11
C LEU A 172 0.73 4.09 -9.62
N SER A 173 0.89 3.19 -10.57
CA SER A 173 2.22 2.85 -11.08
C SER A 173 2.79 3.77 -12.16
N LEU A 174 3.75 4.60 -11.77
CA LEU A 174 4.39 5.49 -12.73
C LEU A 174 5.64 4.79 -13.31
N GLN A 175 6.07 5.21 -14.48
CA GLN A 175 7.27 4.65 -15.10
C GLN A 175 7.94 5.81 -15.84
N GLN A 176 9.23 5.67 -16.12
CA GLN A 176 9.95 6.79 -16.73
C GLN A 176 10.57 6.58 -18.11
N ALA A 177 10.49 5.37 -18.66
CA ALA A 177 11.06 5.15 -19.98
C ALA A 177 10.24 5.87 -21.04
N PRO A 178 10.88 6.30 -22.14
CA PRO A 178 10.18 6.99 -23.21
C PRO A 178 9.61 5.94 -24.18
N VAL A 179 8.60 6.32 -24.95
CA VAL A 179 8.00 5.40 -25.91
C VAL A 179 8.86 5.30 -27.16
N ASN A 180 9.01 4.09 -27.68
CA ASN A 180 9.78 3.84 -28.90
C ASN A 180 8.74 3.58 -29.99
N HIS A 181 8.62 4.47 -30.96
CA HIS A 181 7.64 4.30 -32.01
C HIS A 181 8.16 3.60 -33.25
N LYS A 182 9.35 3.00 -33.15
CA LYS A 182 9.97 2.31 -34.28
C LYS A 182 9.40 0.91 -34.53
N TYR A 183 8.46 0.49 -33.69
CA TYR A 183 7.89 -0.84 -33.88
C TYR A 183 6.66 -0.81 -34.75
N ILE A 184 6.56 -1.79 -35.64
CA ILE A 184 5.41 -1.94 -36.52
C ILE A 184 4.60 -3.08 -35.88
N LEU A 185 3.39 -2.77 -35.43
CA LEU A 185 2.55 -3.77 -34.76
C LEU A 185 1.31 -4.22 -35.55
N PRO A 186 0.75 -5.38 -35.20
CA PRO A 186 -0.46 -5.90 -35.87
C PRO A 186 -1.51 -4.78 -35.80
N GLU A 187 -2.30 -4.59 -36.86
CA GLU A 187 -3.29 -3.50 -36.85
C GLU A 187 -4.40 -3.56 -35.82
N ASP A 188 -4.76 -4.75 -35.35
CA ASP A 188 -5.85 -4.84 -34.38
C ASP A 188 -5.45 -4.38 -32.98
N TRP A 189 -4.16 -4.36 -32.70
CA TRP A 189 -3.69 -3.97 -31.37
C TRP A 189 -4.01 -2.51 -31.01
N HIS A 190 -4.44 -1.73 -31.99
CA HIS A 190 -4.81 -0.33 -31.74
C HIS A 190 -6.19 -0.29 -31.11
N LEU A 191 -6.98 -1.34 -31.36
CA LEU A 191 -8.34 -1.39 -30.83
C LEU A 191 -8.45 -2.42 -29.70
N ARG A 192 -7.70 -3.51 -29.82
CA ARG A 192 -7.73 -4.56 -28.83
C ARG A 192 -6.38 -4.68 -28.15
N PHE A 193 -6.33 -4.48 -26.84
CA PHE A 193 -5.09 -4.57 -26.11
C PHE A 193 -4.69 -6.04 -26.00
N PRO A 194 -3.53 -6.40 -26.59
CA PRO A 194 -3.04 -7.77 -26.55
C PRO A 194 -2.63 -8.20 -25.16
N SER A 195 -2.74 -9.50 -24.90
CA SER A 195 -2.38 -10.05 -23.60
C SER A 195 -0.87 -10.08 -23.47
N GLY A 196 -0.40 -10.24 -22.24
CA GLY A 196 1.03 -10.29 -22.00
C GLY A 196 1.70 -11.33 -22.89
N SER A 197 1.15 -12.55 -22.88
CA SER A 197 1.68 -13.65 -23.68
C SER A 197 1.73 -13.30 -25.16
N GLU A 198 0.65 -12.70 -25.66
CA GLU A 198 0.57 -12.33 -27.06
C GLU A 198 1.72 -11.36 -27.41
N ILE A 199 2.02 -10.45 -26.49
CA ILE A 199 3.10 -9.50 -26.71
C ILE A 199 4.46 -10.21 -26.67
N ILE A 200 4.62 -11.14 -25.74
CA ILE A 200 5.89 -11.86 -25.62
C ILE A 200 6.11 -12.79 -26.81
N GLN A 201 5.05 -13.45 -27.28
CA GLN A 201 5.18 -14.34 -28.43
C GLN A 201 5.59 -13.53 -29.65
N TYR A 202 5.00 -12.35 -29.79
CA TYR A 202 5.29 -11.45 -30.89
C TYR A 202 6.75 -11.04 -30.82
N ALA A 203 7.18 -10.66 -29.63
CA ALA A 203 8.57 -10.24 -29.40
C ALA A 203 9.55 -11.38 -29.67
N ALA A 204 9.08 -12.61 -29.50
CA ALA A 204 9.92 -13.78 -29.72
C ALA A 204 9.90 -14.23 -31.18
N SER A 205 9.01 -13.64 -31.99
CA SER A 205 8.89 -14.02 -33.38
C SER A 205 9.22 -12.88 -34.33
N HIS A 206 9.62 -11.73 -33.79
CA HIS A 206 9.92 -10.58 -34.63
C HIS A 206 11.17 -9.82 -34.23
N TYR A 207 11.00 -8.78 -33.42
CA TYR A 207 12.14 -7.96 -33.00
C TYR A 207 12.99 -8.67 -31.96
N ASP A 213 24.13 -16.62 -27.92
CA ASP A 213 23.72 -17.15 -26.63
C ASP A 213 22.42 -16.52 -26.15
N PRO A 214 21.41 -17.35 -25.84
CA PRO A 214 20.11 -16.88 -25.36
C PRO A 214 20.24 -15.83 -24.26
N ASP A 215 21.39 -15.81 -23.60
CA ASP A 215 21.65 -14.86 -22.53
C ASP A 215 21.40 -13.43 -22.99
N GLU A 216 21.74 -13.15 -24.25
CA GLU A 216 21.54 -11.81 -24.80
C GLU A 216 20.13 -11.67 -25.33
N GLN A 217 19.55 -12.76 -25.81
CA GLN A 217 18.20 -12.74 -26.36
C GLN A 217 17.13 -12.44 -25.32
N LEU A 218 17.03 -13.29 -24.31
CA LEU A 218 16.06 -13.10 -23.24
C LEU A 218 16.03 -11.64 -22.81
N LEU A 219 17.19 -11.13 -22.40
CA LEU A 219 17.29 -9.76 -21.96
C LEU A 219 16.96 -8.77 -23.07
N ASP A 220 16.96 -9.25 -24.31
CA ASP A 220 16.67 -8.37 -25.42
C ASP A 220 15.19 -8.37 -25.76
N ARG A 221 14.56 -9.55 -25.69
CA ARG A 221 13.13 -9.68 -25.96
C ARG A 221 12.42 -9.04 -24.78
N ARG A 222 13.08 -9.09 -23.64
CA ARG A 222 12.57 -8.52 -22.39
C ARG A 222 12.36 -7.02 -22.62
N ARG A 223 13.33 -6.34 -23.22
CA ARG A 223 13.19 -4.91 -23.46
C ARG A 223 12.22 -4.58 -24.60
N VAL A 224 12.14 -5.46 -25.61
CA VAL A 224 11.23 -5.26 -26.73
C VAL A 224 9.78 -5.37 -26.21
N GLU A 225 9.54 -6.38 -25.38
CA GLU A 225 8.23 -6.58 -24.79
C GLU A 225 7.80 -5.32 -24.03
N TYR A 226 8.72 -4.78 -23.22
CA TYR A 226 8.41 -3.59 -22.45
C TYR A 226 8.06 -2.40 -23.35
N ASP A 227 8.84 -2.21 -24.42
CA ASP A 227 8.59 -1.12 -25.38
C ASP A 227 7.24 -1.30 -26.08
N ILE A 228 6.98 -2.52 -26.54
CA ILE A 228 5.73 -2.78 -27.22
C ILE A 228 4.56 -2.47 -26.30
N PHE A 229 4.62 -2.94 -25.06
CA PHE A 229 3.54 -2.67 -24.11
C PHE A 229 3.30 -1.17 -23.97
N LEU A 230 4.38 -0.42 -23.84
CA LEU A 230 4.32 1.03 -23.68
C LEU A 230 3.75 1.70 -24.93
N LEU A 231 4.15 1.20 -26.10
CA LEU A 231 3.65 1.77 -27.35
C LEU A 231 2.16 1.43 -27.50
N VAL A 232 1.79 0.19 -27.23
CA VAL A 232 0.39 -0.19 -27.33
C VAL A 232 -0.43 0.70 -26.40
N GLU A 233 0.04 0.84 -25.16
CA GLU A 233 -0.65 1.67 -24.17
C GLU A 233 -0.86 3.09 -24.70
N GLU A 234 0.15 3.67 -25.34
CA GLU A 234 0.03 5.03 -25.89
C GLU A 234 -1.04 5.09 -26.98
N LEU A 235 -1.04 4.13 -27.88
CA LEU A 235 -2.02 4.10 -28.96
C LEU A 235 -3.44 4.05 -28.38
N HIS A 236 -3.62 3.34 -27.28
CA HIS A 236 -4.94 3.26 -26.65
C HIS A 236 -5.36 4.50 -25.85
N VAL A 237 -4.44 5.08 -25.07
CA VAL A 237 -4.84 6.21 -24.22
C VAL A 237 -4.23 7.61 -24.39
N LEU A 238 -3.11 7.74 -25.08
CA LEU A 238 -2.50 9.07 -25.22
C LEU A 238 -3.45 10.16 -25.71
N ASP A 239 -4.11 9.87 -26.83
CA ASP A 239 -5.04 10.79 -27.46
C ASP A 239 -6.16 11.24 -26.52
N ILE A 240 -6.71 10.29 -25.76
CA ILE A 240 -7.77 10.58 -24.80
C ILE A 240 -7.18 11.54 -23.75
N ILE A 241 -6.03 11.14 -23.22
CA ILE A 241 -5.32 11.91 -22.21
C ILE A 241 -4.97 13.32 -22.68
N ARG A 242 -4.59 13.44 -23.95
CA ARG A 242 -4.24 14.74 -24.52
C ARG A 242 -5.46 15.64 -24.67
N LYS A 243 -6.61 15.03 -24.95
CA LYS A 243 -7.84 15.78 -25.10
C LYS A 243 -8.28 16.40 -23.77
N GLY A 244 -8.21 15.63 -22.69
CA GLY A 244 -8.61 16.16 -21.41
C GLY A 244 -9.85 15.44 -20.92
N PHE A 245 -10.22 15.66 -19.66
CA PHE A 245 -11.38 14.99 -19.11
C PHE A 245 -12.47 15.93 -18.69
N GLY A 246 -13.71 15.46 -18.80
CA GLY A 246 -14.85 16.28 -18.44
C GLY A 246 -15.28 16.12 -16.99
N SER A 247 -14.75 15.10 -16.33
CA SER A 247 -15.09 14.87 -14.92
C SER A 247 -13.99 14.14 -14.17
N VAL A 248 -13.94 14.36 -12.87
CA VAL A 248 -12.95 13.72 -12.00
C VAL A 248 -13.01 12.20 -12.16
N ASP A 249 -14.21 11.64 -12.07
CA ASP A 249 -14.39 10.21 -12.17
C ASP A 249 -13.97 9.56 -13.49
N GLU A 250 -13.98 10.29 -14.59
CA GLU A 250 -13.54 9.75 -15.89
C GLU A 250 -12.01 9.71 -15.85
N PHE A 251 -11.43 10.74 -15.23
CA PHE A 251 -9.99 10.84 -15.08
C PHE A 251 -9.55 9.66 -14.19
N ILE A 252 -10.20 9.53 -13.05
CA ILE A 252 -9.89 8.46 -12.09
C ILE A 252 -10.07 7.05 -12.68
N ALA A 253 -11.18 6.81 -13.35
CA ALA A 253 -11.44 5.49 -13.92
C ALA A 253 -10.31 5.06 -14.86
N LEU A 254 -9.81 5.98 -15.67
CA LEU A 254 -8.73 5.65 -16.60
C LEU A 254 -7.40 5.49 -15.86
N ALA A 255 -7.13 6.33 -14.87
CA ALA A 255 -5.89 6.23 -14.11
C ALA A 255 -5.75 4.84 -13.49
N ASN A 256 -6.81 4.40 -12.80
CA ASN A 256 -6.86 3.10 -12.15
C ASN A 256 -6.61 1.97 -13.14
N SER A 257 -7.26 2.04 -14.30
CA SER A 257 -7.12 1.02 -15.34
C SER A 257 -5.74 1.02 -15.93
N VAL A 258 -5.22 2.20 -16.26
CA VAL A 258 -3.89 2.28 -16.82
C VAL A 258 -2.89 1.69 -15.83
N SER A 259 -3.02 2.07 -14.57
CA SER A 259 -2.11 1.59 -13.52
C SER A 259 -2.22 0.09 -13.26
N ASN A 260 -3.45 -0.42 -13.11
CA ASN A 260 -3.62 -1.85 -12.88
C ASN A 260 -3.01 -2.70 -13.98
N ARG A 261 -3.21 -2.30 -15.24
CA ARG A 261 -2.66 -3.09 -16.33
C ARG A 261 -1.13 -3.08 -16.24
N ARG A 262 -0.56 -1.95 -15.85
CA ARG A 262 0.89 -1.87 -15.70
C ARG A 262 1.38 -2.82 -14.62
N LYS A 263 0.73 -2.80 -13.46
CA LYS A 263 1.13 -3.65 -12.36
C LYS A 263 0.98 -5.13 -12.67
N SER A 264 0.05 -5.46 -13.55
CA SER A 264 -0.18 -6.87 -13.91
C SER A 264 0.90 -7.41 -14.85
N ARG A 265 1.48 -6.54 -15.65
CA ARG A 265 2.50 -6.92 -16.61
C ARG A 265 3.59 -7.79 -15.99
N ALA A 266 4.11 -7.38 -14.84
CA ALA A 266 5.16 -8.15 -14.17
C ALA A 266 4.61 -9.41 -13.52
N GLY A 267 3.91 -10.23 -14.31
CA GLY A 267 3.34 -11.45 -13.79
C GLY A 267 4.02 -12.70 -14.35
N LYS A 268 3.72 -13.02 -15.60
CA LYS A 268 4.32 -14.19 -16.22
C LYS A 268 5.28 -13.87 -17.36
N SER A 269 5.90 -12.70 -17.29
CA SER A 269 6.84 -12.29 -18.33
C SER A 269 8.05 -13.21 -18.48
N LEU A 270 8.76 -13.42 -17.38
CA LEU A 270 9.95 -14.25 -17.42
C LEU A 270 9.68 -15.72 -17.72
N GLU A 271 8.68 -16.30 -17.05
CA GLU A 271 8.34 -17.69 -17.28
C GLU A 271 7.89 -17.98 -18.72
N LEU A 272 7.63 -16.93 -19.49
CA LEU A 272 7.21 -17.08 -20.88
C LEU A 272 8.36 -16.84 -21.85
N HIS A 273 9.16 -15.82 -21.59
CA HIS A 273 10.31 -15.52 -22.46
C HIS A 273 11.25 -16.71 -22.46
N LEU A 274 11.42 -17.34 -21.30
CA LEU A 274 12.29 -18.50 -21.18
C LEU A 274 11.73 -19.64 -22.03
N GLU A 275 10.44 -19.90 -21.87
CA GLU A 275 9.76 -20.96 -22.60
C GLU A 275 10.04 -20.91 -24.09
N HIS A 276 9.94 -19.72 -24.67
CA HIS A 276 10.21 -19.56 -26.10
C HIS A 276 11.66 -19.84 -26.43
N LEU A 277 12.56 -19.38 -25.56
CA LEU A 277 13.98 -19.58 -25.77
C LEU A 277 14.38 -21.05 -25.66
N PHE A 278 13.50 -21.86 -25.08
CA PHE A 278 13.77 -23.28 -24.95
C PHE A 278 13.28 -24.05 -26.18
N ILE A 279 11.98 -23.97 -26.47
CA ILE A 279 11.42 -24.65 -27.63
C ILE A 279 12.32 -24.34 -28.81
N GLU A 280 12.75 -23.08 -28.88
CA GLU A 280 13.62 -22.59 -29.94
C GLU A 280 15.01 -23.23 -29.96
N HIS A 281 15.53 -23.57 -28.78
CA HIS A 281 16.86 -24.16 -28.66
C HIS A 281 16.85 -25.64 -28.26
N GLY A 282 16.33 -26.49 -29.13
CA GLY A 282 16.29 -27.92 -28.82
C GLY A 282 15.29 -28.32 -27.76
N LEU A 283 15.56 -27.99 -26.50
CA LEU A 283 14.67 -28.34 -25.39
C LEU A 283 13.21 -28.23 -25.80
N ARG A 284 12.63 -29.36 -26.20
CA ARG A 284 11.24 -29.38 -26.64
C ARG A 284 10.28 -29.66 -25.50
N HIS A 285 9.95 -30.93 -25.29
CA HIS A 285 9.02 -31.32 -24.25
C HIS A 285 9.47 -31.03 -22.82
N PHE A 286 8.54 -30.44 -22.06
CA PHE A 286 8.74 -30.08 -20.66
C PHE A 286 7.37 -29.81 -20.06
N ALA A 287 7.31 -29.47 -18.77
CA ALA A 287 6.03 -29.22 -18.14
C ALA A 287 6.00 -27.92 -17.33
N THR A 288 4.88 -27.22 -17.39
CA THR A 288 4.70 -25.98 -16.67
C THR A 288 3.69 -26.18 -15.54
N GLN A 289 3.44 -27.44 -15.21
CA GLN A 289 2.51 -27.80 -14.14
C GLN A 289 2.37 -29.31 -14.02
N ALA A 290 2.23 -29.78 -12.78
CA ALA A 290 2.09 -31.21 -12.52
C ALA A 290 0.64 -31.56 -12.21
N PRO A 298 4.77 -25.75 -9.70
CA PRO A 298 6.06 -25.93 -10.39
C PRO A 298 6.03 -25.32 -11.79
N ASP A 299 6.60 -24.13 -11.94
CA ASP A 299 6.64 -23.45 -13.23
C ASP A 299 7.38 -24.18 -14.34
N PHE A 300 8.39 -24.98 -13.98
CA PHE A 300 9.14 -25.74 -14.99
C PHE A 300 9.44 -27.16 -14.56
N LEU A 301 9.93 -27.97 -15.49
CA LEU A 301 10.27 -29.36 -15.21
C LEU A 301 11.00 -30.01 -16.39
N PHE A 302 12.01 -30.81 -16.09
CA PHE A 302 12.78 -31.49 -17.12
C PHE A 302 13.08 -32.93 -16.70
N PRO A 303 13.07 -33.87 -17.66
CA PRO A 303 12.81 -33.69 -19.10
C PRO A 303 11.34 -33.59 -19.47
N SER A 304 10.45 -33.99 -18.55
CA SER A 304 9.02 -33.92 -18.79
C SER A 304 8.21 -34.43 -17.60
N ALA A 305 6.93 -34.09 -17.56
CA ALA A 305 6.04 -34.50 -16.47
C ALA A 305 5.92 -36.01 -16.43
N GLY A 306 6.12 -36.64 -17.58
CA GLY A 306 6.04 -38.09 -17.65
C GLY A 306 7.13 -38.73 -16.82
N ALA A 307 8.31 -38.12 -16.84
CA ALA A 307 9.45 -38.62 -16.08
C ALA A 307 9.27 -38.30 -14.59
N TYR A 308 8.03 -38.34 -14.13
CA TYR A 308 7.72 -38.06 -12.73
C TYR A 308 6.78 -39.13 -12.19
N HIS A 309 6.81 -40.32 -12.80
CA HIS A 309 5.97 -41.44 -12.38
C HIS A 309 6.59 -42.77 -12.82
N PRO A 314 15.08 -40.07 -10.11
CA PRO A 314 16.26 -40.03 -10.98
C PRO A 314 16.66 -38.62 -11.37
N LEU A 318 16.60 -35.75 -13.33
CA LEU A 318 15.60 -34.70 -13.50
C LEU A 318 16.17 -33.32 -13.25
N ARG A 319 15.44 -32.30 -13.67
CA ARG A 319 15.86 -30.91 -13.49
C ARG A 319 14.63 -30.02 -13.32
N MET A 320 14.55 -29.35 -12.17
CA MET A 320 13.43 -28.45 -11.87
C MET A 320 13.95 -27.03 -11.75
N LEU A 321 13.59 -26.18 -12.72
CA LEU A 321 14.03 -24.79 -12.75
C LEU A 321 12.92 -23.83 -12.33
N ALA A 322 13.19 -23.06 -11.28
CA ALA A 322 12.23 -22.07 -10.78
C ALA A 322 12.68 -20.69 -11.26
N VAL A 323 11.72 -19.78 -11.43
CA VAL A 323 12.05 -18.43 -11.91
C VAL A 323 11.68 -17.37 -10.88
N LYS A 324 12.63 -16.51 -10.56
CA LYS A 324 12.43 -15.44 -9.59
C LYS A 324 13.19 -14.20 -10.01
N THR A 325 12.49 -13.19 -10.52
CA THR A 325 13.13 -11.95 -10.95
C THR A 325 14.10 -11.51 -9.86
N THR A 326 13.61 -11.47 -8.63
CA THR A 326 14.41 -11.10 -7.46
C THR A 326 14.46 -12.33 -6.57
N CYS A 327 15.68 -12.80 -6.31
CA CYS A 327 15.89 -14.01 -5.52
C CYS A 327 15.72 -13.87 -3.99
N LYS A 328 16.29 -12.81 -3.43
CA LYS A 328 16.25 -12.54 -1.99
C LYS A 328 14.95 -12.82 -1.24
N ASP A 329 15.03 -13.75 -0.29
CA ASP A 329 13.91 -14.12 0.57
C ASP A 329 12.73 -14.86 -0.05
N ARG A 330 12.86 -15.22 -1.32
CA ARG A 330 11.76 -15.93 -1.96
C ARG A 330 12.23 -17.09 -2.82
N TRP A 331 13.07 -17.94 -2.24
CA TRP A 331 13.58 -19.11 -2.95
C TRP A 331 13.33 -20.40 -2.18
N ARG A 332 13.28 -20.30 -0.86
CA ARG A 332 13.05 -21.45 -0.01
C ARG A 332 11.84 -22.30 -0.41
N GLN A 333 10.71 -21.67 -0.72
CA GLN A 333 9.52 -22.42 -1.10
C GLN A 333 9.76 -23.35 -2.27
N ILE A 334 10.82 -23.08 -3.03
CA ILE A 334 11.17 -23.88 -4.20
C ILE A 334 11.66 -25.26 -3.79
N LEU A 335 12.22 -25.34 -2.59
CA LEU A 335 12.77 -26.60 -2.08
C LEU A 335 11.69 -27.62 -1.72
N ASN A 336 10.55 -27.56 -2.39
CA ASN A 336 9.47 -28.50 -2.13
C ASN A 336 8.24 -28.22 -2.98
N HIS A 345 17.23 -26.06 -9.96
CA HIS A 345 17.85 -24.84 -10.45
C HIS A 345 16.98 -23.62 -10.19
N LEU A 346 17.62 -22.46 -10.09
CA LEU A 346 16.90 -21.22 -9.83
C LEU A 346 17.36 -20.11 -10.76
N PHE A 347 16.46 -19.67 -11.64
CA PHE A 347 16.78 -18.60 -12.56
C PHE A 347 16.41 -17.27 -11.91
N THR A 348 17.36 -16.33 -11.90
CA THR A 348 17.11 -15.03 -11.28
C THR A 348 17.80 -13.92 -12.07
N LEU A 349 17.35 -12.68 -11.87
CA LEU A 349 17.94 -11.53 -12.56
C LEU A 349 18.54 -10.56 -11.56
N GLN A 350 18.63 -10.97 -10.31
CA GLN A 350 19.17 -10.15 -9.24
C GLN A 350 20.57 -9.64 -9.55
N GLU A 351 20.84 -8.39 -9.22
CA GLU A 351 22.15 -7.80 -9.47
C GLU A 351 23.15 -8.19 -8.41
N GLY A 352 23.26 -9.49 -8.15
CA GLY A 352 24.21 -9.96 -7.17
C GLY A 352 23.58 -10.54 -5.92
N VAL A 353 24.38 -11.31 -5.20
CA VAL A 353 23.98 -11.97 -3.97
C VAL A 353 25.23 -12.10 -3.10
N SER A 354 25.17 -11.57 -1.89
CA SER A 354 26.31 -11.62 -0.98
C SER A 354 26.83 -13.03 -0.76
N LEU A 355 28.07 -13.13 -0.31
CA LEU A 355 28.70 -14.42 -0.06
C LEU A 355 27.86 -15.31 0.86
N ALA A 356 27.42 -14.76 1.99
CA ALA A 356 26.62 -15.51 2.95
C ALA A 356 25.31 -15.99 2.34
N GLN A 357 24.60 -15.06 1.69
CA GLN A 357 23.33 -15.39 1.05
C GLN A 357 23.46 -16.62 0.17
N TYR A 358 24.48 -16.62 -0.68
CA TYR A 358 24.70 -17.74 -1.59
C TYR A 358 24.97 -19.06 -0.87
N ARG A 359 25.75 -19.01 0.20
CA ARG A 359 26.06 -20.22 0.95
C ARG A 359 24.80 -21.01 1.27
N GLU A 360 23.85 -20.35 1.94
CA GLU A 360 22.61 -20.98 2.31
C GLU A 360 21.92 -21.60 1.09
N MET A 361 22.12 -20.98 -0.07
CA MET A 361 21.54 -21.46 -1.30
C MET A 361 22.36 -22.60 -1.90
N ARG A 362 23.69 -22.48 -1.86
CA ARG A 362 24.55 -23.53 -2.40
C ARG A 362 24.14 -24.83 -1.74
N GLU A 363 23.61 -24.71 -0.53
CA GLU A 363 23.15 -25.86 0.24
C GLU A 363 21.66 -26.01 -0.06
N SER A 364 21.01 -26.97 0.57
CA SER A 364 19.58 -27.21 0.32
C SER A 364 19.39 -27.75 -1.09
N GLY A 365 20.27 -27.35 -1.99
CA GLY A 365 20.19 -27.81 -3.37
C GLY A 365 19.73 -26.76 -4.36
N VAL A 366 20.29 -25.56 -4.26
CA VAL A 366 19.91 -24.47 -5.16
C VAL A 366 21.07 -24.09 -6.09
N ARG A 367 20.87 -24.31 -7.39
CA ARG A 367 21.87 -24.02 -8.41
C ARG A 367 21.42 -22.81 -9.22
N LEU A 368 22.14 -21.69 -9.08
CA LEU A 368 21.78 -20.47 -9.78
C LEU A 368 21.97 -20.49 -11.30
N VAL A 369 21.18 -19.66 -11.97
CA VAL A 369 21.21 -19.52 -13.42
C VAL A 369 21.03 -18.03 -13.70
N VAL A 370 22.09 -17.37 -14.16
CA VAL A 370 22.03 -15.93 -14.41
C VAL A 370 22.63 -15.53 -15.75
N PRO A 371 21.99 -14.58 -16.46
CA PRO A 371 22.47 -14.10 -17.75
C PRO A 371 23.88 -13.52 -17.67
N SER A 372 24.74 -13.95 -18.60
CA SER A 372 26.13 -13.51 -18.69
C SER A 372 26.41 -12.07 -18.28
N SER A 373 25.70 -11.13 -18.90
CA SER A 373 25.90 -9.72 -18.61
C SER A 373 25.68 -9.38 -17.14
N LEU A 374 25.17 -10.35 -16.38
CA LEU A 374 24.89 -10.12 -14.97
C LEU A 374 25.91 -10.70 -14.00
N HIS A 375 26.64 -11.73 -14.42
CA HIS A 375 27.63 -12.33 -13.53
C HIS A 375 28.56 -11.31 -12.91
N LYS A 376 29.06 -10.39 -13.72
CA LYS A 376 29.98 -9.36 -13.23
C LYS A 376 29.39 -8.62 -12.02
N LYS A 377 28.10 -8.81 -11.78
CA LYS A 377 27.41 -8.17 -10.66
C LYS A 377 27.60 -8.94 -9.36
N TYR A 378 27.72 -10.25 -9.46
CA TYR A 378 27.91 -11.11 -8.29
C TYR A 378 29.30 -11.00 -7.68
N PRO A 379 29.46 -11.45 -6.42
CA PRO A 379 30.74 -11.42 -5.71
C PRO A 379 31.87 -12.03 -6.51
N GLU A 380 33.08 -11.50 -6.32
CA GLU A 380 34.27 -11.98 -7.01
C GLU A 380 34.62 -13.37 -6.51
N ALA A 381 33.59 -14.13 -6.12
CA ALA A 381 33.76 -15.48 -5.60
C ALA A 381 32.65 -16.41 -6.07
N VAL A 382 31.43 -15.89 -6.10
CA VAL A 382 30.28 -16.67 -6.53
C VAL A 382 30.16 -16.63 -8.05
N ARG A 383 30.71 -15.59 -8.65
CA ARG A 383 30.68 -15.39 -10.09
C ARG A 383 31.02 -16.66 -10.88
N ALA A 384 32.25 -17.12 -10.74
CA ALA A 384 32.72 -18.29 -11.45
C ALA A 384 31.91 -19.55 -11.14
N GLU A 385 30.96 -19.44 -10.23
CA GLU A 385 30.14 -20.59 -9.85
C GLU A 385 28.74 -20.53 -10.45
N LEU A 386 28.46 -19.48 -11.22
CA LEU A 386 27.16 -19.29 -11.85
C LEU A 386 27.04 -20.03 -13.19
N MET A 387 25.85 -20.54 -13.47
CA MET A 387 25.57 -21.29 -14.69
C MET A 387 24.72 -20.47 -15.67
N THR A 388 25.39 -19.79 -16.62
CA THR A 388 24.71 -18.97 -17.62
C THR A 388 23.50 -19.68 -18.24
N LEU A 389 22.63 -18.90 -18.89
CA LEU A 389 21.45 -19.48 -19.52
C LEU A 389 21.89 -20.42 -20.64
N GLY A 390 23.05 -20.13 -21.22
CA GLY A 390 23.57 -20.98 -22.27
C GLY A 390 24.03 -22.30 -21.69
N ALA A 391 24.93 -22.22 -20.72
CA ALA A 391 25.47 -23.40 -20.05
C ALA A 391 24.34 -24.27 -19.51
N PHE A 392 23.19 -23.65 -19.23
CA PHE A 392 22.05 -24.37 -18.71
C PHE A 392 21.34 -25.10 -19.85
N ILE A 393 21.08 -24.37 -20.94
CA ILE A 393 20.42 -24.95 -22.09
C ILE A 393 21.28 -26.05 -22.68
N ALA A 394 22.57 -25.77 -22.81
CA ALA A 394 23.53 -26.73 -23.36
C ALA A 394 23.48 -28.05 -22.59
N GLU A 395 23.55 -27.97 -21.26
CA GLU A 395 23.53 -29.16 -20.41
C GLU A 395 22.24 -29.97 -20.59
N LEU A 396 21.11 -29.37 -20.25
CA LEU A 396 19.82 -30.04 -20.36
C LEU A 396 19.57 -30.68 -21.72
N THR A 397 20.20 -30.14 -22.76
CA THR A 397 20.03 -30.68 -24.11
C THR A 397 20.53 -32.11 -24.18
N GLY A 398 19.61 -33.06 -24.05
CA GLY A 398 19.96 -34.46 -24.09
C GLY A 398 19.79 -35.12 -22.73
N SER B 4 4.35 -13.42 0.14
CA SER B 4 3.53 -12.28 -0.34
C SER B 4 2.24 -12.75 -1.01
N VAL B 5 1.51 -13.63 -0.32
CA VAL B 5 0.28 -14.19 -0.86
C VAL B 5 -0.80 -13.14 -1.06
N PHE B 6 -0.99 -12.27 -0.08
CA PHE B 6 -2.00 -11.22 -0.18
C PHE B 6 -1.70 -10.34 -1.40
N HIS B 7 -0.46 -9.91 -1.55
CA HIS B 7 -0.08 -9.07 -2.68
C HIS B 7 -0.49 -9.72 -4.00
N ASN B 8 -0.14 -11.00 -4.18
CA ASN B 8 -0.50 -11.72 -5.40
C ASN B 8 -2.01 -11.91 -5.51
N TRP B 9 -2.66 -12.11 -4.38
CA TRP B 9 -4.12 -12.26 -4.40
C TRP B 9 -4.72 -10.95 -4.96
N LEU B 10 -4.26 -9.83 -4.43
CA LEU B 10 -4.77 -8.53 -4.89
C LEU B 10 -4.58 -8.37 -6.40
N LEU B 11 -3.39 -8.69 -6.89
CA LEU B 11 -3.13 -8.59 -8.33
C LEU B 11 -4.06 -9.52 -9.11
N GLU B 12 -4.33 -10.71 -8.58
CA GLU B 12 -5.21 -11.65 -9.27
C GLU B 12 -6.61 -11.05 -9.40
N ILE B 13 -7.18 -10.64 -8.28
CA ILE B 13 -8.51 -10.06 -8.24
C ILE B 13 -8.66 -8.81 -9.10
N ALA B 14 -7.75 -7.85 -8.90
CA ALA B 14 -7.81 -6.59 -9.63
C ALA B 14 -7.99 -6.69 -11.14
N CYS B 15 -7.51 -7.77 -11.74
CA CYS B 15 -7.63 -7.92 -13.19
C CYS B 15 -8.55 -9.00 -13.71
N GLU B 16 -9.37 -9.57 -12.83
CA GLU B 16 -10.31 -10.59 -13.27
C GLU B 16 -11.73 -10.07 -13.08
N ASN B 17 -12.71 -10.85 -13.54
CA ASN B 17 -14.10 -10.45 -13.43
C ASN B 17 -14.67 -10.65 -12.03
N TYR B 18 -14.26 -9.79 -11.09
CA TYR B 18 -14.76 -9.86 -9.72
C TYR B 18 -15.43 -8.55 -9.31
N PHE B 19 -16.46 -8.67 -8.48
CA PHE B 19 -17.16 -7.51 -7.93
C PHE B 19 -16.69 -7.56 -6.48
N VAL B 20 -15.91 -6.57 -6.06
CA VAL B 20 -15.37 -6.56 -4.71
C VAL B 20 -16.08 -5.73 -3.66
N TYR B 21 -16.21 -6.31 -2.48
CA TYR B 21 -16.86 -5.66 -1.36
C TYR B 21 -15.84 -5.65 -0.22
N ILE B 22 -15.53 -4.46 0.29
CA ILE B 22 -14.58 -4.29 1.38
C ILE B 22 -15.25 -3.64 2.58
N LYS B 23 -14.94 -4.11 3.77
CA LYS B 23 -15.50 -3.56 5.00
C LYS B 23 -14.62 -4.05 6.14
N ARG B 24 -14.80 -3.51 7.34
CA ARG B 24 -14.08 -4.00 8.49
C ARG B 24 -15.15 -4.77 9.28
N LEU B 25 -14.80 -5.93 9.81
CA LEU B 25 -15.75 -6.75 10.54
C LEU B 25 -16.23 -6.11 11.84
N SER B 26 -17.55 -5.93 11.95
CA SER B 26 -18.15 -5.36 13.14
C SER B 26 -18.28 -6.46 14.21
N ALA B 27 -18.47 -6.07 15.46
CA ALA B 27 -18.62 -7.07 16.50
C ALA B 27 -19.77 -8.01 16.16
N ASN B 28 -20.84 -7.48 15.58
CA ASN B 28 -21.99 -8.30 15.22
C ASN B 28 -21.69 -9.22 14.04
N ASP B 29 -20.92 -8.74 13.06
CA ASP B 29 -20.55 -9.57 11.90
C ASP B 29 -19.91 -10.90 12.36
N THR B 30 -19.01 -10.79 13.33
CA THR B 30 -18.27 -11.95 13.82
C THR B 30 -18.97 -12.76 14.93
N GLY B 31 -20.09 -12.25 15.43
CA GLY B 31 -20.80 -12.94 16.50
C GLY B 31 -20.23 -12.57 17.86
N ALA B 32 -19.31 -11.61 17.86
CA ALA B 32 -18.69 -11.14 19.09
C ALA B 32 -19.70 -10.51 20.04
N THR B 33 -20.82 -10.02 19.51
CA THR B 33 -21.83 -9.41 20.37
C THR B 33 -22.64 -10.48 21.09
N GLY B 34 -22.19 -11.73 20.99
CA GLY B 34 -22.86 -12.82 21.67
C GLY B 34 -24.01 -13.46 20.93
N GLY B 35 -24.62 -14.45 21.56
CA GLY B 35 -25.74 -15.14 20.96
C GLY B 35 -25.36 -15.99 19.76
N HIS B 36 -26.34 -16.21 18.89
CA HIS B 36 -26.13 -17.01 17.68
C HIS B 36 -25.65 -16.15 16.52
N GLN B 37 -24.74 -16.70 15.72
CA GLN B 37 -24.21 -15.99 14.56
C GLN B 37 -25.37 -15.56 13.64
N VAL B 38 -25.33 -14.33 13.13
CA VAL B 38 -26.37 -13.85 12.21
C VAL B 38 -25.77 -13.68 10.84
N GLY B 39 -24.44 -13.54 10.78
CA GLY B 39 -23.76 -13.39 9.51
C GLY B 39 -23.10 -12.04 9.24
N LEU B 40 -22.44 -11.99 8.09
CA LEU B 40 -21.74 -10.81 7.62
C LEU B 40 -22.75 -9.94 6.88
N TYR B 41 -22.87 -8.69 7.32
CA TYR B 41 -23.80 -7.75 6.72
C TYR B 41 -23.43 -7.37 5.29
N ILE B 42 -24.40 -7.34 4.39
CA ILE B 42 -24.14 -6.93 3.02
C ILE B 42 -25.14 -5.79 2.69
N PRO B 43 -24.65 -4.73 2.01
CA PRO B 43 -25.46 -3.56 1.64
C PRO B 43 -26.59 -3.97 0.73
N SER B 44 -27.78 -3.45 0.98
CA SER B 44 -28.93 -3.79 0.17
C SER B 44 -28.68 -3.38 -1.27
N GLY B 45 -27.95 -2.29 -1.46
CA GLY B 45 -27.67 -1.82 -2.81
C GLY B 45 -26.76 -2.73 -3.60
N ILE B 46 -26.40 -3.87 -3.02
CA ILE B 46 -25.53 -4.86 -3.66
C ILE B 46 -26.24 -6.21 -3.85
N VAL B 47 -27.33 -6.39 -3.12
CA VAL B 47 -28.07 -7.64 -3.20
C VAL B 47 -28.71 -7.87 -4.56
N GLU B 48 -29.31 -6.82 -5.11
CA GLU B 48 -29.97 -6.99 -6.40
C GLU B 48 -28.99 -7.42 -7.49
N LYS B 49 -27.71 -7.10 -7.32
CA LYS B 49 -26.74 -7.47 -8.32
C LYS B 49 -26.21 -8.87 -8.10
N LEU B 50 -25.96 -9.21 -6.84
CA LEU B 50 -25.38 -10.51 -6.50
C LEU B 50 -26.30 -11.66 -6.15
N PHE B 51 -27.42 -11.37 -5.49
CA PHE B 51 -28.37 -12.41 -5.08
C PHE B 51 -29.78 -11.92 -5.38
N PRO B 52 -30.11 -11.74 -6.67
CA PRO B 52 -31.45 -11.26 -7.04
C PRO B 52 -32.63 -12.13 -6.60
N SER B 53 -32.40 -13.44 -6.48
CA SER B 53 -33.49 -14.34 -6.11
C SER B 53 -33.95 -14.26 -4.66
N ILE B 54 -33.16 -13.67 -3.77
CA ILE B 54 -33.58 -13.57 -2.38
C ILE B 54 -34.06 -12.16 -2.06
N ASN B 55 -34.02 -11.28 -3.05
CA ASN B 55 -34.40 -9.87 -2.90
C ASN B 55 -35.90 -9.65 -3.08
N HIS B 56 -36.69 -10.28 -2.24
CA HIS B 56 -38.13 -10.14 -2.32
C HIS B 56 -38.77 -10.47 -0.97
N THR B 57 -40.06 -10.22 -0.86
CA THR B 57 -40.80 -10.44 0.37
C THR B 57 -41.96 -11.43 0.21
N ARG B 58 -41.84 -12.35 -0.75
CA ARG B 58 -42.89 -13.34 -0.97
C ARG B 58 -42.91 -14.39 0.14
N GLU B 59 -41.73 -14.73 0.65
CA GLU B 59 -41.61 -15.70 1.73
C GLU B 59 -40.70 -15.16 2.81
N LEU B 60 -40.84 -15.68 4.02
CA LEU B 60 -40.03 -15.27 5.15
C LEU B 60 -38.61 -15.83 5.01
N ASN B 61 -37.63 -14.94 5.11
CA ASN B 61 -36.21 -15.27 5.03
C ASN B 61 -35.72 -16.08 3.82
N PRO B 62 -35.97 -15.59 2.60
CA PRO B 62 -35.49 -16.35 1.45
C PRO B 62 -33.96 -16.36 1.46
N SER B 63 -33.37 -17.41 0.91
CA SER B 63 -31.92 -17.51 0.86
C SER B 63 -31.44 -18.41 -0.28
N VAL B 64 -30.13 -18.36 -0.52
CA VAL B 64 -29.50 -19.15 -1.55
C VAL B 64 -28.10 -19.48 -1.06
N PHE B 65 -27.48 -20.46 -1.69
CA PHE B 65 -26.13 -20.87 -1.32
C PHE B 65 -25.10 -20.45 -2.37
N LEU B 66 -23.86 -20.30 -1.93
CA LEU B 66 -22.75 -19.96 -2.81
C LEU B 66 -21.51 -20.52 -2.15
N THR B 67 -20.53 -20.90 -2.96
CA THR B 67 -19.30 -21.46 -2.41
C THR B 67 -18.36 -20.36 -1.93
N ALA B 68 -17.97 -20.45 -0.67
CA ALA B 68 -17.08 -19.48 -0.06
C ALA B 68 -15.66 -20.04 0.05
N HIS B 69 -14.75 -19.45 -0.71
CA HIS B 69 -13.35 -19.87 -0.68
C HIS B 69 -12.56 -18.81 0.09
N VAL B 70 -11.88 -19.23 1.14
CA VAL B 70 -11.09 -18.30 1.93
C VAL B 70 -9.61 -18.45 1.58
N SER B 71 -9.03 -17.41 0.99
CA SER B 71 -7.62 -17.42 0.59
C SER B 71 -6.69 -16.88 1.68
N SER B 72 -7.28 -16.25 2.69
CA SER B 72 -6.48 -15.66 3.76
C SER B 72 -6.10 -16.65 4.85
N HIS B 73 -6.93 -17.67 5.04
CA HIS B 73 -6.68 -18.67 6.06
C HIS B 73 -6.83 -20.05 5.48
N ASP B 74 -6.19 -21.01 6.11
CA ASP B 74 -6.24 -22.40 5.66
C ASP B 74 -7.58 -23.00 6.08
N CYS B 75 -8.61 -22.74 5.29
CA CYS B 75 -9.94 -23.24 5.60
C CYS B 75 -10.56 -23.97 4.42
N PRO B 76 -11.35 -25.01 4.70
CA PRO B 76 -11.98 -25.75 3.60
C PRO B 76 -13.09 -24.91 3.00
N ASP B 77 -13.33 -25.07 1.71
CA ASP B 77 -14.40 -24.32 1.07
C ASP B 77 -15.69 -24.78 1.72
N SER B 78 -16.66 -23.88 1.77
CA SER B 78 -17.94 -24.23 2.38
C SER B 78 -19.08 -23.54 1.64
N GLU B 79 -20.29 -24.05 1.81
CA GLU B 79 -21.44 -23.46 1.15
C GLU B 79 -22.03 -22.45 2.11
N ALA B 80 -21.69 -21.18 1.88
CA ALA B 80 -22.19 -20.10 2.72
C ALA B 80 -23.62 -19.83 2.29
N ARG B 81 -24.36 -19.10 3.11
CA ARG B 81 -25.74 -18.80 2.80
C ARG B 81 -26.06 -17.30 2.78
N ALA B 82 -26.45 -16.78 1.63
CA ALA B 82 -26.85 -15.38 1.52
C ALA B 82 -28.31 -15.44 1.93
N ILE B 83 -28.72 -14.54 2.81
CA ILE B 83 -30.09 -14.56 3.30
C ILE B 83 -30.67 -13.19 3.54
N TYR B 84 -31.96 -13.08 3.29
CA TYR B 84 -32.66 -11.83 3.51
C TYR B 84 -33.58 -11.95 4.72
N TYR B 85 -33.09 -11.49 5.88
CA TYR B 85 -33.90 -11.52 7.10
C TYR B 85 -35.03 -10.55 6.84
N ASN B 86 -36.15 -11.16 6.48
CA ASN B 86 -37.42 -10.58 6.06
C ASN B 86 -38.55 -10.28 7.07
N SER B 87 -38.44 -10.78 8.30
CA SER B 87 -39.53 -10.64 9.29
C SER B 87 -40.30 -9.34 9.39
N ALA B 88 -39.75 -8.22 8.93
CA ALA B 88 -40.46 -6.94 8.99
C ALA B 88 -41.70 -7.01 8.11
N HIS B 89 -41.70 -7.93 7.15
CA HIS B 89 -42.83 -8.09 6.25
C HIS B 89 -43.70 -9.27 6.70
N PHE B 90 -43.40 -9.80 7.88
CA PHE B 90 -44.14 -10.94 8.43
C PHE B 90 -44.44 -10.75 9.92
N GLY B 91 -44.93 -9.56 10.27
CA GLY B 91 -45.30 -9.24 11.64
C GLY B 91 -44.18 -8.92 12.61
N LYS B 92 -42.93 -9.08 12.17
CA LYS B 92 -41.82 -8.80 13.07
C LYS B 92 -40.99 -7.56 12.72
N THR B 93 -39.67 -7.63 12.90
CA THR B 93 -38.82 -6.46 12.70
C THR B 93 -37.61 -6.46 11.77
N ARG B 94 -37.07 -7.64 11.46
CA ARG B 94 -35.87 -7.68 10.63
C ARG B 94 -36.05 -7.23 9.18
N ASN B 95 -35.00 -6.61 8.66
CA ASN B 95 -35.00 -6.16 7.28
C ASN B 95 -33.56 -5.90 6.86
N GLU B 96 -32.79 -6.98 6.71
CA GLU B 96 -31.39 -6.85 6.35
C GLU B 96 -30.95 -8.09 5.60
N LYS B 97 -29.89 -7.95 4.81
CA LYS B 97 -29.34 -9.09 4.08
C LYS B 97 -27.97 -9.37 4.66
N ARG B 98 -27.64 -10.66 4.78
CA ARG B 98 -26.33 -11.05 5.30
C ARG B 98 -25.91 -12.38 4.65
N ILE B 99 -24.63 -12.71 4.77
CA ILE B 99 -24.14 -13.98 4.26
C ILE B 99 -23.63 -14.68 5.53
N THR B 100 -24.09 -15.92 5.75
CA THR B 100 -23.70 -16.64 6.94
C THR B 100 -23.34 -18.11 6.68
N ARG B 101 -23.22 -18.89 7.75
CA ARG B 101 -22.82 -20.30 7.73
C ARG B 101 -21.51 -20.51 6.96
N TRP B 102 -20.48 -19.88 7.48
CA TRP B 102 -19.15 -19.93 6.89
C TRP B 102 -18.42 -21.24 7.18
N GLY B 103 -18.93 -21.98 8.15
CA GLY B 103 -18.30 -23.23 8.50
C GLY B 103 -17.55 -23.05 9.80
N ARG B 104 -17.41 -24.13 10.55
CA ARG B 104 -16.73 -24.11 11.84
C ARG B 104 -15.27 -23.68 11.72
N GLY B 105 -14.85 -22.80 12.62
CA GLY B 105 -13.48 -22.32 12.63
C GLY B 105 -13.15 -21.21 11.64
N SER B 106 -14.09 -20.93 10.75
CA SER B 106 -13.90 -19.89 9.74
C SER B 106 -13.54 -18.55 10.35
N PRO B 107 -12.60 -17.83 9.72
CA PRO B 107 -12.20 -16.51 10.23
C PRO B 107 -13.34 -15.51 10.28
N LEU B 108 -14.32 -15.68 9.40
CA LEU B 108 -15.45 -14.76 9.38
C LEU B 108 -16.38 -14.99 10.57
N GLN B 109 -16.22 -16.11 11.26
CA GLN B 109 -17.06 -16.41 12.41
C GLN B 109 -16.25 -16.29 13.70
N ASP B 110 -15.03 -15.79 13.58
CA ASP B 110 -14.15 -15.65 14.72
C ASP B 110 -14.19 -14.26 15.35
N PRO B 111 -14.78 -14.13 16.55
CA PRO B 111 -14.89 -12.86 17.26
C PRO B 111 -13.57 -12.11 17.44
N GLU B 112 -12.46 -12.83 17.39
CA GLU B 112 -11.15 -12.20 17.55
C GLU B 112 -10.66 -11.53 16.27
N ASN B 113 -11.50 -11.57 15.24
CA ASN B 113 -11.21 -10.93 13.96
C ASN B 113 -12.08 -9.68 13.88
N THR B 114 -12.78 -9.36 14.97
CA THR B 114 -13.60 -8.16 15.00
C THR B 114 -12.66 -6.99 14.71
N GLY B 115 -13.07 -6.12 13.79
CA GLY B 115 -12.26 -4.97 13.44
C GLY B 115 -11.34 -5.19 12.24
N ALA B 116 -11.15 -6.45 11.85
CA ALA B 116 -10.28 -6.78 10.73
C ALA B 116 -10.82 -6.35 9.36
N LEU B 117 -9.92 -5.86 8.52
CA LEU B 117 -10.25 -5.43 7.17
C LEU B 117 -10.51 -6.69 6.37
N THR B 118 -11.68 -6.77 5.75
CA THR B 118 -12.03 -7.96 4.97
C THR B 118 -12.50 -7.64 3.56
N LEU B 119 -12.01 -8.41 2.59
CA LEU B 119 -12.38 -8.20 1.21
C LEU B 119 -13.06 -9.44 0.63
N LEU B 120 -14.30 -9.27 0.15
CA LEU B 120 -15.02 -10.38 -0.46
C LEU B 120 -15.11 -10.11 -1.94
N ALA B 121 -14.43 -10.93 -2.73
CA ALA B 121 -14.44 -10.78 -4.17
C ALA B 121 -15.43 -11.79 -4.71
N PHE B 122 -16.61 -11.29 -5.10
CA PHE B 122 -17.66 -12.14 -5.66
C PHE B 122 -17.47 -12.30 -7.17
N LYS B 123 -17.63 -13.53 -7.65
CA LYS B 123 -17.51 -13.82 -9.07
C LYS B 123 -18.87 -13.59 -9.72
N LEU B 124 -18.93 -12.67 -10.67
CA LEU B 124 -20.20 -12.36 -11.34
C LEU B 124 -20.76 -13.58 -12.09
N ASP B 125 -22.07 -13.79 -11.96
CA ASP B 125 -22.71 -14.91 -12.65
C ASP B 125 -22.97 -14.54 -14.09
N GLU B 126 -22.31 -15.25 -15.01
CA GLU B 126 -22.48 -14.98 -16.44
C GLU B 126 -23.82 -15.56 -16.90
N GLN B 127 -24.91 -14.98 -16.42
CA GLN B 127 -26.24 -15.41 -16.79
C GLN B 127 -27.30 -14.62 -16.04
N GLY B 128 -26.86 -13.56 -15.36
CA GLY B 128 -27.78 -12.72 -14.62
C GLY B 128 -28.33 -13.33 -13.34
N GLY B 129 -27.95 -14.58 -13.06
CA GLY B 129 -28.43 -15.23 -11.87
C GLY B 129 -27.66 -14.88 -10.61
N ASP B 130 -27.85 -15.67 -9.56
CA ASP B 130 -27.16 -15.44 -8.30
C ASP B 130 -25.69 -15.78 -8.38
N CYS B 131 -24.88 -15.02 -7.67
CA CYS B 131 -23.46 -15.25 -7.62
C CYS B 131 -23.29 -16.62 -6.97
N LYS B 132 -22.45 -17.47 -7.52
CA LYS B 132 -22.28 -18.82 -6.96
C LYS B 132 -20.96 -19.02 -6.25
N GLU B 133 -20.10 -18.01 -6.29
CA GLU B 133 -18.82 -18.13 -5.63
C GLU B 133 -18.22 -16.80 -5.19
N VAL B 134 -17.60 -16.83 -4.01
CA VAL B 134 -16.95 -15.66 -3.45
C VAL B 134 -15.58 -16.07 -2.93
N ASN B 135 -14.59 -15.26 -3.25
CA ASN B 135 -13.20 -15.48 -2.84
C ASN B 135 -12.92 -14.41 -1.79
N ILE B 136 -12.69 -14.81 -0.55
CA ILE B 136 -12.48 -13.81 0.49
C ILE B 136 -11.11 -13.75 1.13
N TRP B 137 -10.79 -12.58 1.67
CA TRP B 137 -9.53 -12.39 2.35
C TRP B 137 -9.79 -11.62 3.61
N VAL B 138 -9.59 -12.27 4.75
CA VAL B 138 -9.75 -11.61 6.03
C VAL B 138 -8.33 -11.31 6.47
N CYS B 139 -7.98 -10.03 6.56
CA CYS B 139 -6.64 -9.64 6.96
C CYS B 139 -6.38 -10.15 8.37
N ALA B 140 -5.32 -10.94 8.50
CA ALA B 140 -4.95 -11.54 9.78
C ALA B 140 -4.02 -10.67 10.62
N SER B 141 -3.52 -9.59 10.04
CA SER B 141 -2.61 -8.70 10.77
C SER B 141 -2.54 -7.33 10.14
N THR B 142 -1.90 -6.41 10.85
CA THR B 142 -1.73 -5.04 10.40
C THR B 142 -0.80 -5.00 9.18
N ASP B 143 0.15 -5.93 9.11
CA ASP B 143 1.07 -6.01 7.99
C ASP B 143 0.30 -6.19 6.69
N GLU B 144 -0.70 -7.07 6.72
CA GLU B 144 -1.52 -7.31 5.54
C GLU B 144 -2.35 -6.09 5.21
N GLU B 145 -2.99 -5.53 6.23
CA GLU B 145 -3.82 -4.35 6.03
C GLU B 145 -3.00 -3.19 5.45
N ASP B 146 -1.72 -3.08 5.82
CA ASP B 146 -0.85 -2.01 5.31
C ASP B 146 -0.63 -2.20 3.81
N VAL B 147 -0.67 -3.45 3.35
CA VAL B 147 -0.45 -3.71 1.94
C VAL B 147 -1.52 -3.10 1.07
N ILE B 148 -2.78 -3.30 1.45
CA ILE B 148 -3.89 -2.79 0.66
C ILE B 148 -4.20 -1.32 0.95
N GLU B 149 -4.20 -0.94 2.23
CA GLU B 149 -4.52 0.45 2.61
C GLU B 149 -3.49 1.47 2.14
N THR B 150 -2.26 1.03 1.93
CA THR B 150 -1.23 1.95 1.46
C THR B 150 -1.56 2.38 0.02
N ALA B 151 -2.12 1.47 -0.76
CA ALA B 151 -2.46 1.80 -2.14
C ALA B 151 -3.81 2.48 -2.28
N ILE B 152 -4.87 1.90 -1.70
CA ILE B 152 -6.21 2.49 -1.82
C ILE B 152 -6.66 3.44 -0.70
N GLY B 153 -5.89 3.50 0.38
CA GLY B 153 -6.26 4.36 1.49
C GLY B 153 -6.78 3.52 2.65
N GLU B 154 -6.78 4.10 3.84
CA GLU B 154 -7.24 3.38 5.02
C GLU B 154 -8.76 3.20 4.97
N VAL B 155 -9.21 2.02 5.37
CA VAL B 155 -10.64 1.74 5.38
C VAL B 155 -11.18 2.03 6.75
N ILE B 156 -12.10 2.98 6.81
CA ILE B 156 -12.70 3.37 8.07
C ILE B 156 -13.82 2.41 8.49
N PRO B 157 -13.94 2.14 9.80
CA PRO B 157 -14.99 1.23 10.28
C PRO B 157 -16.33 1.79 9.87
N GLY B 158 -17.21 0.93 9.36
CA GLY B 158 -18.51 1.40 8.94
C GLY B 158 -18.54 1.62 7.44
N ALA B 159 -17.38 1.72 6.81
CA ALA B 159 -17.33 1.92 5.37
C ALA B 159 -17.82 0.65 4.70
N LEU B 160 -18.60 0.82 3.65
CA LEU B 160 -19.15 -0.29 2.86
C LEU B 160 -18.76 0.04 1.43
N ILE B 161 -17.59 -0.46 1.04
CA ILE B 161 -17.04 -0.21 -0.28
C ILE B 161 -17.31 -1.36 -1.23
N SER B 162 -17.84 -1.05 -2.41
CA SER B 162 -18.09 -2.09 -3.40
C SER B 162 -18.05 -1.53 -4.82
N GLY B 163 -17.73 -2.39 -5.77
CA GLY B 163 -17.67 -1.98 -7.16
C GLY B 163 -16.77 -2.92 -7.93
N PRO B 164 -16.53 -2.68 -9.23
CA PRO B 164 -15.65 -3.60 -9.95
C PRO B 164 -14.27 -3.63 -9.29
N ALA B 165 -13.67 -4.81 -9.25
CA ALA B 165 -12.37 -5.00 -8.65
C ALA B 165 -11.34 -3.95 -9.07
N GLY B 166 -11.19 -3.76 -10.37
CA GLY B 166 -10.22 -2.81 -10.89
C GLY B 166 -10.31 -1.41 -10.32
N GLN B 167 -11.52 -0.88 -10.23
CA GLN B 167 -11.75 0.46 -9.71
C GLN B 167 -11.64 0.53 -8.19
N ILE B 168 -11.99 -0.57 -7.54
CA ILE B 168 -11.90 -0.62 -6.10
C ILE B 168 -10.45 -0.74 -5.63
N LEU B 169 -9.67 -1.52 -6.34
CA LEU B 169 -8.29 -1.75 -5.92
C LEU B 169 -7.27 -0.92 -6.69
N GLY B 170 -7.75 -0.10 -7.62
CA GLY B 170 -6.84 0.70 -8.42
C GLY B 170 -5.93 1.68 -7.72
N GLY B 171 -6.44 2.34 -6.69
CA GLY B 171 -5.66 3.33 -5.97
C GLY B 171 -6.53 4.53 -5.65
N LEU B 172 -7.26 5.04 -6.65
CA LEU B 172 -8.17 6.17 -6.43
C LEU B 172 -9.61 5.66 -6.37
N SER B 173 -10.38 6.24 -5.46
CA SER B 173 -11.78 5.87 -5.27
C SER B 173 -12.72 6.74 -6.11
N LEU B 174 -13.62 6.08 -6.83
CA LEU B 174 -14.62 6.77 -7.65
C LEU B 174 -15.78 7.19 -6.74
N GLN B 175 -16.87 7.63 -7.37
CA GLN B 175 -18.10 8.03 -6.68
C GLN B 175 -18.12 9.48 -6.21
N GLN B 176 -18.96 10.28 -6.86
CA GLN B 176 -19.13 11.69 -6.52
C GLN B 176 -20.57 12.14 -6.74
N ALA B 177 -21.30 12.34 -5.64
CA ALA B 177 -22.68 12.79 -5.74
C ALA B 177 -22.92 14.06 -4.92
N PRO B 178 -23.12 13.94 -3.58
CA PRO B 178 -23.34 15.18 -2.83
C PRO B 178 -22.09 16.03 -2.68
N TYR B 183 -23.83 23.24 -1.77
CA TYR B 183 -23.12 24.12 -0.85
C TYR B 183 -22.58 25.36 -1.53
N ILE B 184 -22.41 26.43 -0.75
CA ILE B 184 -21.86 27.67 -1.27
C ILE B 184 -20.45 27.81 -0.70
N LEU B 185 -19.46 27.60 -1.55
CA LEU B 185 -18.08 27.68 -1.12
C LEU B 185 -17.60 29.12 -1.21
N PRO B 186 -16.79 29.56 -0.24
CA PRO B 186 -16.29 30.94 -0.27
C PRO B 186 -15.52 31.20 -1.56
N GLU B 187 -15.67 32.42 -2.07
CA GLU B 187 -15.02 32.87 -3.30
C GLU B 187 -13.57 32.40 -3.42
N ASP B 188 -12.78 32.64 -2.38
CA ASP B 188 -11.37 32.28 -2.40
C ASP B 188 -11.06 30.78 -2.57
N TRP B 189 -12.02 29.91 -2.26
CA TRP B 189 -11.78 28.48 -2.41
C TRP B 189 -11.82 28.08 -3.89
N HIS B 190 -12.26 29.00 -4.73
CA HIS B 190 -12.31 28.77 -6.17
C HIS B 190 -10.93 29.11 -6.75
N LEU B 191 -10.09 29.71 -5.92
CA LEU B 191 -8.76 30.13 -6.35
C LEU B 191 -7.62 29.45 -5.61
N ARG B 192 -7.83 29.15 -4.33
CA ARG B 192 -6.81 28.49 -3.51
C ARG B 192 -7.42 27.22 -2.91
N PHE B 193 -6.59 26.21 -2.65
CA PHE B 193 -7.08 24.96 -2.06
C PHE B 193 -6.96 25.07 -0.54
N PRO B 194 -8.10 25.22 0.15
CA PRO B 194 -8.13 25.34 1.61
C PRO B 194 -7.52 24.16 2.34
N SER B 195 -7.00 24.41 3.54
CA SER B 195 -6.39 23.37 4.34
C SER B 195 -7.47 22.50 5.01
N GLY B 196 -7.05 21.39 5.60
CA GLY B 196 -7.98 20.49 6.27
C GLY B 196 -8.69 21.18 7.41
N SER B 197 -7.95 21.98 8.18
CA SER B 197 -8.55 22.72 9.29
C SER B 197 -9.59 23.71 8.79
N GLU B 198 -9.25 24.42 7.71
CA GLU B 198 -10.16 25.41 7.13
C GLU B 198 -11.46 24.75 6.70
N ILE B 199 -11.35 23.60 6.05
CA ILE B 199 -12.55 22.89 5.61
C ILE B 199 -13.37 22.45 6.84
N ILE B 200 -12.69 21.98 7.86
CA ILE B 200 -13.36 21.51 9.07
C ILE B 200 -14.02 22.66 9.84
N GLN B 201 -13.32 23.79 9.94
CA GLN B 201 -13.87 24.94 10.63
C GLN B 201 -15.08 25.50 9.89
N TYR B 202 -15.10 25.34 8.56
CA TYR B 202 -16.23 25.81 7.75
C TYR B 202 -17.40 24.84 7.88
N ALA B 203 -17.10 23.55 7.94
CA ALA B 203 -18.12 22.54 8.06
C ALA B 203 -18.85 22.70 9.41
N ALA B 204 -18.08 22.94 10.46
CA ALA B 204 -18.62 23.10 11.80
C ALA B 204 -19.36 24.42 11.96
N SER B 205 -18.65 25.50 11.65
CA SER B 205 -19.20 26.84 11.76
C SER B 205 -20.31 27.18 10.77
N HIS B 206 -20.40 26.44 9.67
CA HIS B 206 -21.40 26.77 8.67
C HIS B 206 -22.52 25.79 8.34
N TYR B 207 -22.42 24.53 8.75
CA TYR B 207 -23.49 23.60 8.38
C TYR B 207 -24.11 22.67 9.42
N VAL B 208 -23.35 22.22 10.41
CA VAL B 208 -23.95 21.34 11.42
C VAL B 208 -24.97 22.14 12.24
N LYS B 209 -24.51 22.71 13.35
CA LYS B 209 -25.34 23.53 14.24
C LYS B 209 -26.73 22.98 14.58
N ASN B 210 -27.01 21.74 14.17
CA ASN B 210 -28.29 21.10 14.45
C ASN B 210 -28.08 20.10 15.59
N SER B 211 -27.04 20.33 16.38
CA SER B 211 -26.70 19.45 17.49
C SER B 211 -25.65 20.11 18.36
N LEU B 212 -25.94 20.27 19.65
CA LEU B 212 -24.99 20.90 20.57
C LEU B 212 -24.26 19.81 21.34
N ASP B 213 -24.54 18.57 20.97
CA ASP B 213 -23.92 17.40 21.57
C ASP B 213 -22.66 17.06 20.78
N PRO B 214 -21.49 17.02 21.45
CA PRO B 214 -20.22 16.71 20.81
C PRO B 214 -20.19 15.44 19.96
N ASP B 215 -20.70 14.33 20.50
CA ASP B 215 -20.73 13.07 19.77
C ASP B 215 -21.47 13.23 18.44
N GLU B 216 -22.62 13.89 18.49
CA GLU B 216 -23.43 14.12 17.28
C GLU B 216 -22.76 15.14 16.35
N GLN B 217 -22.11 16.15 16.92
CA GLN B 217 -21.45 17.17 16.09
C GLN B 217 -20.35 16.52 15.25
N LEU B 218 -19.56 15.66 15.88
CA LEU B 218 -18.48 14.99 15.20
C LEU B 218 -18.99 14.21 13.98
N LEU B 219 -19.98 13.34 14.17
CA LEU B 219 -20.47 12.57 13.03
C LEU B 219 -21.08 13.44 11.93
N ASP B 220 -21.84 14.46 12.30
CA ASP B 220 -22.43 15.34 11.31
C ASP B 220 -21.36 16.14 10.55
N ARG B 221 -20.38 16.68 11.27
CA ARG B 221 -19.33 17.47 10.62
C ARG B 221 -18.42 16.59 9.76
N ARG B 222 -18.19 15.34 10.17
CA ARG B 222 -17.35 14.46 9.36
C ARG B 222 -18.05 14.28 8.01
N ARG B 223 -19.37 14.19 8.02
CA ARG B 223 -20.13 14.01 6.79
C ARG B 223 -20.08 15.28 5.93
N VAL B 224 -20.10 16.44 6.57
CA VAL B 224 -20.04 17.71 5.84
C VAL B 224 -18.64 17.92 5.26
N GLU B 225 -17.61 17.57 6.03
CA GLU B 225 -16.22 17.70 5.60
C GLU B 225 -16.05 16.88 4.32
N TYR B 226 -16.49 15.62 4.35
CA TYR B 226 -16.39 14.75 3.17
C TYR B 226 -17.00 15.38 1.93
N ASP B 227 -18.19 15.97 2.05
CA ASP B 227 -18.82 16.60 0.89
C ASP B 227 -18.09 17.84 0.38
N ILE B 228 -17.76 18.78 1.26
CA ILE B 228 -17.11 19.98 0.75
C ILE B 228 -15.69 19.69 0.23
N PHE B 229 -14.96 18.78 0.86
CA PHE B 229 -13.64 18.44 0.33
C PHE B 229 -13.83 17.96 -1.11
N LEU B 230 -14.83 17.12 -1.32
CA LEU B 230 -15.11 16.59 -2.66
C LEU B 230 -15.41 17.71 -3.65
N LEU B 231 -16.19 18.70 -3.21
CA LEU B 231 -16.55 19.85 -4.05
C LEU B 231 -15.33 20.74 -4.31
N VAL B 232 -14.54 20.99 -3.27
CA VAL B 232 -13.34 21.80 -3.43
C VAL B 232 -12.38 21.06 -4.34
N GLU B 233 -12.26 19.76 -4.13
CA GLU B 233 -11.36 18.97 -4.95
C GLU B 233 -11.80 19.02 -6.41
N GLU B 234 -13.09 18.85 -6.62
CA GLU B 234 -13.63 18.84 -7.97
C GLU B 234 -13.33 20.13 -8.71
N LEU B 235 -13.45 21.25 -8.04
CA LEU B 235 -13.17 22.55 -8.66
C LEU B 235 -11.76 22.55 -9.23
N HIS B 236 -10.79 22.45 -8.33
CA HIS B 236 -9.38 22.47 -8.67
C HIS B 236 -8.88 21.40 -9.63
N VAL B 237 -9.37 20.17 -9.49
CA VAL B 237 -8.91 19.10 -10.36
C VAL B 237 -9.54 19.17 -11.76
N LEU B 238 -10.84 19.45 -11.82
CA LEU B 238 -11.55 19.54 -13.09
C LEU B 238 -10.87 20.53 -14.03
N ASP B 239 -10.27 21.57 -13.46
CA ASP B 239 -9.60 22.61 -14.23
C ASP B 239 -8.39 22.06 -14.98
N ILE B 240 -7.47 21.47 -14.23
CA ILE B 240 -6.26 20.88 -14.81
C ILE B 240 -6.62 19.74 -15.75
N ILE B 241 -7.49 18.87 -15.27
CA ILE B 241 -7.94 17.70 -16.01
C ILE B 241 -8.54 18.01 -17.38
N ARG B 242 -9.19 19.17 -17.50
CA ARG B 242 -9.80 19.58 -18.76
C ARG B 242 -8.80 19.96 -19.83
N LYS B 243 -7.61 20.39 -19.43
CA LYS B 243 -6.58 20.80 -20.37
C LYS B 243 -5.86 19.60 -21.00
N GLY B 244 -5.92 18.44 -20.35
CA GLY B 244 -5.27 17.24 -20.89
C GLY B 244 -3.80 17.17 -20.48
N PHE B 245 -3.10 16.13 -20.95
CA PHE B 245 -1.69 15.96 -20.62
C PHE B 245 -0.89 15.51 -21.83
N GLY B 246 0.41 15.81 -21.83
CA GLY B 246 1.26 15.44 -22.95
C GLY B 246 1.68 13.98 -22.99
N SER B 247 1.67 13.31 -21.85
CA SER B 247 2.07 11.91 -21.82
C SER B 247 1.25 11.18 -20.78
N VAL B 248 1.29 9.85 -20.82
CA VAL B 248 0.55 9.04 -19.88
C VAL B 248 1.09 9.24 -18.47
N ASP B 249 2.40 9.34 -18.34
CA ASP B 249 2.99 9.51 -17.02
C ASP B 249 2.80 10.86 -16.34
N GLU B 250 2.49 11.90 -17.12
CA GLU B 250 2.21 13.22 -16.54
C GLU B 250 0.80 13.07 -15.96
N PHE B 251 0.03 12.23 -16.63
CA PHE B 251 -1.36 11.90 -16.27
C PHE B 251 -1.37 11.13 -14.95
N ILE B 252 -0.58 10.07 -14.87
CA ILE B 252 -0.47 9.25 -13.66
C ILE B 252 0.14 10.02 -12.49
N ALA B 253 1.08 10.91 -12.79
CA ALA B 253 1.72 11.70 -11.74
C ALA B 253 0.68 12.56 -11.01
N LEU B 254 -0.22 13.18 -11.77
CA LEU B 254 -1.27 14.01 -11.19
C LEU B 254 -2.23 13.14 -10.37
N ALA B 255 -2.58 11.97 -10.90
CA ALA B 255 -3.47 11.05 -10.19
C ALA B 255 -2.81 10.72 -8.85
N ASN B 256 -1.51 10.43 -8.87
CA ASN B 256 -0.84 10.12 -7.63
C ASN B 256 -0.85 11.36 -6.71
N SER B 257 -0.69 12.55 -7.28
CA SER B 257 -0.73 13.78 -6.46
C SER B 257 -2.11 13.89 -5.81
N VAL B 258 -3.15 13.72 -6.62
CA VAL B 258 -4.52 13.80 -6.10
C VAL B 258 -4.73 12.74 -5.01
N SER B 259 -4.23 11.54 -5.25
CA SER B 259 -4.39 10.46 -4.28
C SER B 259 -3.71 10.74 -2.94
N ASN B 260 -2.46 11.23 -2.97
CA ASN B 260 -1.77 11.52 -1.72
C ASN B 260 -2.46 12.59 -0.90
N ARG B 261 -3.01 13.60 -1.57
CA ARG B 261 -3.70 14.68 -0.90
C ARG B 261 -4.93 14.12 -0.14
N ARG B 262 -5.70 13.27 -0.81
CA ARG B 262 -6.86 12.69 -0.14
C ARG B 262 -6.44 11.84 1.04
N LYS B 263 -5.40 11.02 0.87
CA LYS B 263 -4.93 10.15 1.95
C LYS B 263 -4.43 10.98 3.11
N SER B 264 -3.62 12.01 2.80
CA SER B 264 -3.10 12.83 3.89
C SER B 264 -4.23 13.48 4.68
N ARG B 265 -5.22 14.04 3.98
CA ARG B 265 -6.33 14.70 4.67
C ARG B 265 -7.25 13.74 5.43
N ALA B 266 -7.48 12.57 4.87
CA ALA B 266 -8.30 11.55 5.53
C ALA B 266 -7.63 11.16 6.84
N GLY B 267 -6.30 11.07 6.80
CA GLY B 267 -5.55 10.70 7.98
C GLY B 267 -5.49 11.72 9.11
N LYS B 268 -5.58 13.00 8.78
CA LYS B 268 -5.53 14.05 9.78
C LYS B 268 -6.90 14.53 10.27
N SER B 269 -7.93 14.19 9.51
CA SER B 269 -9.31 14.59 9.80
C SER B 269 -9.84 14.39 11.21
N LEU B 270 -9.81 13.16 11.68
CA LEU B 270 -10.36 12.87 13.00
C LEU B 270 -9.75 13.70 14.13
N GLU B 271 -8.41 13.75 14.21
CA GLU B 271 -7.75 14.52 15.24
C GLU B 271 -8.03 16.02 15.13
N LEU B 272 -8.23 16.50 13.90
CA LEU B 272 -8.54 17.92 13.71
C LEU B 272 -9.95 18.20 14.26
N HIS B 273 -10.90 17.31 13.98
CA HIS B 273 -12.24 17.50 14.47
C HIS B 273 -12.27 17.50 16.01
N LEU B 274 -11.56 16.57 16.63
CA LEU B 274 -11.56 16.47 18.08
C LEU B 274 -10.93 17.73 18.71
N GLU B 275 -9.85 18.20 18.11
CA GLU B 275 -9.18 19.40 18.60
C GLU B 275 -10.17 20.56 18.62
N HIS B 276 -10.90 20.70 17.52
CA HIS B 276 -11.89 21.74 17.38
C HIS B 276 -12.99 21.64 18.45
N LEU B 277 -13.50 20.42 18.63
CA LEU B 277 -14.55 20.14 19.61
C LEU B 277 -14.08 20.39 21.04
N PHE B 278 -12.86 19.98 21.38
CA PHE B 278 -12.34 20.23 22.73
C PHE B 278 -12.33 21.73 22.98
N ILE B 279 -11.81 22.49 22.02
CA ILE B 279 -11.73 23.95 22.13
C ILE B 279 -13.11 24.56 22.28
N GLU B 280 -13.97 24.27 21.31
CA GLU B 280 -15.34 24.76 21.26
C GLU B 280 -16.21 24.45 22.47
N HIS B 281 -15.88 23.38 23.20
CA HIS B 281 -16.69 23.02 24.36
C HIS B 281 -16.13 23.41 25.71
N GLY B 282 -15.21 24.38 25.71
CA GLY B 282 -14.66 24.87 26.95
C GLY B 282 -13.41 24.20 27.46
N LEU B 283 -13.08 23.03 26.91
CA LEU B 283 -11.88 22.33 27.35
C LEU B 283 -10.72 22.98 26.60
N ARG B 284 -10.13 24.01 27.19
CA ARG B 284 -9.03 24.74 26.59
C ARG B 284 -7.68 24.28 27.12
N HIS B 285 -7.68 23.25 27.95
CA HIS B 285 -6.45 22.75 28.54
C HIS B 285 -5.93 21.47 27.92
N PHE B 286 -5.11 21.58 26.87
CA PHE B 286 -4.55 20.41 26.22
C PHE B 286 -3.44 20.71 25.23
N ALA B 287 -2.55 19.74 25.06
CA ALA B 287 -1.43 19.85 24.14
C ALA B 287 -1.45 18.69 23.14
N THR B 288 -1.18 18.97 21.87
CA THR B 288 -1.16 17.95 20.83
C THR B 288 0.27 17.64 20.42
N GLN B 289 1.08 18.69 20.33
CA GLN B 289 2.49 18.55 19.95
C GLN B 289 3.30 18.54 21.25
N ALA B 290 2.91 17.67 22.18
CA ALA B 290 3.61 17.60 23.46
C ALA B 290 4.41 16.33 23.68
N ILE B 291 5.70 16.54 23.95
CA ILE B 291 6.63 15.45 24.21
C ILE B 291 6.60 15.10 25.69
N THR B 292 6.63 13.81 26.01
CA THR B 292 6.61 13.37 27.40
C THR B 292 7.98 12.80 27.78
N GLU B 293 8.22 11.55 27.40
CA GLU B 293 9.50 10.91 27.69
C GLU B 293 10.13 10.51 26.36
N GLY B 294 11.44 10.72 26.25
CA GLY B 294 12.12 10.37 25.02
C GLY B 294 11.57 11.17 23.85
N ASN B 295 10.72 10.54 23.06
CA ASN B 295 10.13 11.21 21.91
C ASN B 295 8.82 10.53 21.52
N LYS B 296 7.94 10.33 22.50
CA LYS B 296 6.66 9.67 22.28
C LYS B 296 5.57 10.56 21.68
N LYS B 297 5.22 11.65 22.38
CA LYS B 297 4.21 12.59 21.89
C LYS B 297 2.80 11.99 21.71
N PRO B 298 2.01 11.91 22.79
CA PRO B 298 0.65 11.37 22.66
C PRO B 298 -0.23 12.33 21.87
N ASP B 299 -1.24 11.81 21.18
CA ASP B 299 -2.12 12.65 20.37
C ASP B 299 -2.68 13.84 21.13
N PHE B 300 -3.10 13.60 22.37
CA PHE B 300 -3.65 14.65 23.21
C PHE B 300 -3.17 14.43 24.63
N LEU B 301 -2.76 15.51 25.27
CA LEU B 301 -2.27 15.45 26.64
C LEU B 301 -2.94 16.57 27.42
N PHE B 302 -3.57 16.21 28.53
CA PHE B 302 -4.27 17.17 29.37
C PHE B 302 -3.67 17.22 30.77
N PRO B 303 -3.67 18.41 31.40
CA PRO B 303 -4.18 19.66 30.87
C PRO B 303 -3.18 20.44 30.04
N SER B 304 -1.92 20.00 30.06
CA SER B 304 -0.88 20.68 29.30
C SER B 304 0.47 19.98 29.39
N ALA B 305 1.37 20.37 28.49
CA ALA B 305 2.72 19.82 28.46
C ALA B 305 3.39 20.29 29.73
N GLY B 306 3.13 21.54 30.10
CA GLY B 306 3.71 22.11 31.30
C GLY B 306 3.31 21.36 32.56
N ALA B 307 2.00 21.17 32.76
CA ALA B 307 1.51 20.47 33.94
C ALA B 307 2.01 19.03 34.01
N TYR B 308 2.23 18.43 32.85
CA TYR B 308 2.71 17.04 32.81
C TYR B 308 4.13 16.93 33.36
N HIS B 309 4.98 17.88 33.00
CA HIS B 309 6.36 17.88 33.46
C HIS B 309 6.53 18.62 34.78
N ASP B 310 5.43 19.14 35.32
CA ASP B 310 5.47 19.87 36.59
C ASP B 310 5.50 18.95 37.80
N THR B 311 6.57 19.03 38.58
CA THR B 311 6.71 18.22 39.78
C THR B 311 5.62 18.52 40.79
N GLU B 312 5.15 19.77 40.79
CA GLU B 312 4.13 20.21 41.71
C GLU B 312 2.71 19.79 41.33
N PHE B 313 2.47 19.57 40.04
CA PHE B 313 1.15 19.17 39.56
C PHE B 313 0.82 17.70 39.88
N PRO B 314 -0.40 17.44 40.37
CA PRO B 314 -0.87 16.10 40.72
C PRO B 314 -0.91 15.17 39.50
N VAL B 315 -0.32 13.99 39.64
CA VAL B 315 -0.30 13.03 38.53
C VAL B 315 -1.67 12.42 38.27
N GLU B 316 -2.38 12.05 39.34
CA GLU B 316 -3.69 11.43 39.17
C GLU B 316 -4.67 12.33 38.44
N ASN B 317 -4.24 13.54 38.11
CA ASN B 317 -5.11 14.46 37.39
C ASN B 317 -4.69 14.65 35.95
N LEU B 318 -3.63 13.98 35.54
CA LEU B 318 -3.15 14.06 34.17
C LEU B 318 -3.94 13.06 33.31
N ARG B 319 -4.11 13.40 32.04
CA ARG B 319 -4.84 12.55 31.10
C ARG B 319 -4.26 12.66 29.69
N MET B 320 -4.42 11.59 28.92
CA MET B 320 -3.99 11.58 27.54
C MET B 320 -5.07 10.89 26.73
N LEU B 321 -5.14 11.20 25.45
CA LEU B 321 -6.13 10.57 24.59
C LEU B 321 -5.49 10.20 23.27
N ALA B 322 -5.30 8.90 23.06
CA ALA B 322 -4.74 8.43 21.80
C ALA B 322 -5.94 8.29 20.87
N VAL B 323 -5.76 8.63 19.61
CA VAL B 323 -6.84 8.52 18.64
C VAL B 323 -6.49 7.48 17.59
N LYS B 324 -7.26 6.39 17.60
CA LYS B 324 -7.06 5.29 16.66
C LYS B 324 -8.38 4.96 15.99
N THR B 325 -8.62 5.52 14.81
CA THR B 325 -9.85 5.26 14.07
C THR B 325 -10.18 3.78 14.20
N THR B 326 -9.22 2.92 13.87
CA THR B 326 -9.38 1.48 14.03
C THR B 326 -8.36 1.13 15.14
N CYS B 327 -8.84 0.52 16.22
CA CYS B 327 -7.97 0.18 17.34
C CYS B 327 -7.41 -1.24 17.32
N LYS B 328 -8.02 -2.07 16.49
CA LYS B 328 -7.60 -3.46 16.32
C LYS B 328 -6.08 -3.52 16.09
N ASP B 329 -5.38 -4.21 16.99
CA ASP B 329 -3.94 -4.39 16.92
C ASP B 329 -3.12 -3.11 16.74
N ARG B 330 -3.71 -1.97 17.08
CA ARG B 330 -3.04 -0.69 16.95
C ARG B 330 -3.15 0.11 18.25
N TRP B 331 -3.28 -0.56 19.39
CA TRP B 331 -3.41 0.15 20.66
C TRP B 331 -2.29 -0.03 21.69
N ARG B 332 -1.66 -1.19 21.72
CA ARG B 332 -0.60 -1.44 22.69
C ARG B 332 0.54 -0.41 22.64
N GLN B 333 0.72 0.21 21.48
CA GLN B 333 1.75 1.22 21.27
C GLN B 333 1.42 2.53 21.97
N ILE B 334 0.37 2.51 22.76
CA ILE B 334 -0.08 3.69 23.48
C ILE B 334 0.31 3.62 24.94
N LEU B 335 0.54 2.41 25.43
CA LEU B 335 0.90 2.21 26.83
C LEU B 335 2.29 2.77 27.14
N ASN B 336 3.07 3.06 26.10
CA ASN B 336 4.42 3.60 26.27
C ASN B 336 4.51 5.07 25.84
N GLU B 337 3.43 5.83 25.96
CA GLU B 337 3.48 7.23 25.53
C GLU B 337 3.44 8.27 26.65
N ALA B 338 3.12 7.82 27.86
CA ALA B 338 3.04 8.71 29.02
C ALA B 338 3.35 7.88 30.25
N ASP B 339 4.60 7.92 30.68
CA ASP B 339 5.05 7.16 31.84
C ASP B 339 4.21 7.46 33.09
N LYS B 340 3.85 8.74 33.24
CA LYS B 340 3.08 9.20 34.39
C LYS B 340 1.62 8.79 34.46
N ILE B 341 0.97 8.72 33.30
CA ILE B 341 -0.46 8.38 33.22
C ILE B 341 -0.73 6.88 33.13
N HIS B 342 -1.28 6.31 34.20
CA HIS B 342 -1.57 4.89 34.22
C HIS B 342 -2.93 4.51 33.64
N GLN B 343 -3.85 5.47 33.61
CA GLN B 343 -5.17 5.24 33.03
C GLN B 343 -5.23 6.07 31.76
N VAL B 344 -4.99 5.41 30.65
CA VAL B 344 -4.97 6.08 29.36
C VAL B 344 -6.29 5.94 28.62
N HIS B 345 -6.70 7.00 27.94
CA HIS B 345 -7.94 6.96 27.18
C HIS B 345 -7.67 6.76 25.70
N LEU B 346 -8.48 5.92 25.09
CA LEU B 346 -8.35 5.63 23.67
C LEU B 346 -9.66 5.94 22.95
N PHE B 347 -9.60 6.84 21.96
CA PHE B 347 -10.78 7.19 21.18
C PHE B 347 -10.77 6.34 19.93
N THR B 348 -11.89 5.68 19.62
CA THR B 348 -11.95 4.84 18.43
C THR B 348 -13.32 4.90 17.75
N LEU B 349 -13.34 4.63 16.46
CA LEU B 349 -14.57 4.66 15.69
C LEU B 349 -14.93 3.25 15.30
N GLN B 350 -14.21 2.29 15.85
CA GLN B 350 -14.46 0.90 15.48
C GLN B 350 -15.86 0.46 15.86
N GLU B 351 -16.47 -0.35 15.01
CA GLU B 351 -17.82 -0.85 15.25
C GLU B 351 -17.74 -2.05 16.19
N GLY B 352 -17.31 -1.80 17.41
CA GLY B 352 -17.19 -2.86 18.40
C GLY B 352 -15.85 -3.58 18.51
N VAL B 353 -15.67 -4.25 19.64
CA VAL B 353 -14.49 -5.06 19.92
C VAL B 353 -15.03 -6.28 20.67
N SER B 354 -14.32 -7.39 20.61
CA SER B 354 -14.76 -8.59 21.30
C SER B 354 -14.54 -8.43 22.80
N LEU B 355 -15.07 -9.35 23.58
CA LEU B 355 -14.90 -9.33 25.02
C LEU B 355 -13.43 -9.56 25.31
N ALA B 356 -12.86 -10.55 24.65
CA ALA B 356 -11.46 -10.86 24.85
C ALA B 356 -10.55 -9.69 24.48
N GLN B 357 -10.86 -9.00 23.38
CA GLN B 357 -10.05 -7.85 22.98
C GLN B 357 -10.13 -6.79 24.07
N TYR B 358 -11.34 -6.50 24.51
CA TYR B 358 -11.56 -5.51 25.54
C TYR B 358 -10.91 -5.85 26.87
N ARG B 359 -10.90 -7.14 27.21
CA ARG B 359 -10.28 -7.57 28.46
C ARG B 359 -8.80 -7.21 28.42
N GLU B 360 -8.17 -7.43 27.27
CA GLU B 360 -6.76 -7.10 27.10
C GLU B 360 -6.54 -5.61 27.36
N MET B 361 -7.43 -4.79 26.81
CA MET B 361 -7.37 -3.34 26.98
C MET B 361 -7.57 -2.95 28.44
N ARG B 362 -8.63 -3.46 29.04
CA ARG B 362 -8.95 -3.16 30.43
C ARG B 362 -7.73 -3.47 31.31
N GLU B 363 -7.20 -4.68 31.19
CA GLU B 363 -6.05 -5.09 31.99
C GLU B 363 -4.83 -4.17 31.83
N SER B 364 -4.78 -3.41 30.75
CA SER B 364 -3.65 -2.50 30.55
C SER B 364 -4.01 -1.08 30.97
N GLY B 365 -5.17 -0.92 31.59
CA GLY B 365 -5.59 0.39 32.05
C GLY B 365 -6.12 1.31 30.96
N VAL B 366 -6.54 0.73 29.84
CA VAL B 366 -7.08 1.52 28.73
C VAL B 366 -8.59 1.74 28.90
N ARG B 367 -9.01 2.97 28.69
CA ARG B 367 -10.42 3.29 28.79
C ARG B 367 -10.85 3.76 27.40
N LEU B 368 -11.93 3.17 26.86
CA LEU B 368 -12.39 3.55 25.53
C LEU B 368 -13.37 4.71 25.51
N VAL B 369 -13.15 5.66 24.59
CA VAL B 369 -14.02 6.81 24.40
C VAL B 369 -14.60 6.59 23.00
N VAL B 370 -15.91 6.42 22.92
CA VAL B 370 -16.56 6.14 21.64
C VAL B 370 -17.76 7.03 21.35
N PRO B 371 -17.86 7.50 20.10
CA PRO B 371 -19.00 8.34 19.73
C PRO B 371 -20.27 7.63 20.18
N SER B 372 -21.17 8.39 20.80
CA SER B 372 -22.42 7.87 21.34
C SER B 372 -23.19 6.86 20.47
N SER B 373 -23.39 7.18 19.20
CA SER B 373 -24.17 6.29 18.32
C SER B 373 -23.48 4.97 18.00
N LEU B 374 -22.17 4.90 18.22
CA LEU B 374 -21.40 3.70 17.96
C LEU B 374 -21.45 2.70 19.13
N HIS B 375 -21.89 3.16 20.30
CA HIS B 375 -21.95 2.25 21.45
C HIS B 375 -22.82 1.03 21.18
N LYS B 376 -23.91 1.19 20.43
CA LYS B 376 -24.79 0.05 20.13
C LYS B 376 -24.04 -1.06 19.38
N LYS B 377 -22.88 -0.74 18.82
CA LYS B 377 -22.10 -1.74 18.08
C LYS B 377 -21.23 -2.64 18.96
N TYR B 378 -21.13 -2.31 20.24
CA TYR B 378 -20.31 -3.07 21.16
C TYR B 378 -21.06 -4.10 21.99
N PRO B 379 -20.41 -5.22 22.33
CA PRO B 379 -21.04 -6.27 23.14
C PRO B 379 -21.56 -5.58 24.41
N GLU B 380 -22.64 -6.09 24.98
CA GLU B 380 -23.22 -5.47 26.17
C GLU B 380 -22.23 -5.20 27.30
N ALA B 381 -21.51 -6.24 27.72
CA ALA B 381 -20.55 -6.11 28.80
C ALA B 381 -19.51 -5.01 28.58
N VAL B 382 -19.15 -4.77 27.33
CA VAL B 382 -18.16 -3.73 27.00
C VAL B 382 -18.85 -2.38 26.91
N ARG B 383 -20.01 -2.38 26.28
CA ARG B 383 -20.80 -1.19 26.09
C ARG B 383 -21.00 -0.42 27.40
N ALA B 384 -21.26 -1.16 28.46
CA ALA B 384 -21.49 -0.57 29.76
C ALA B 384 -20.34 0.26 30.30
N GLU B 385 -19.12 0.00 29.84
CA GLU B 385 -17.94 0.74 30.32
C GLU B 385 -17.41 1.80 29.38
N LEU B 386 -18.07 1.99 28.24
CA LEU B 386 -17.64 2.98 27.26
C LEU B 386 -17.94 4.40 27.71
N MET B 387 -17.17 5.35 27.20
CA MET B 387 -17.40 6.76 27.51
C MET B 387 -17.81 7.43 26.22
N THR B 388 -18.80 8.32 26.27
CA THR B 388 -19.20 9.06 25.10
C THR B 388 -18.17 10.18 24.99
N LEU B 389 -18.06 10.81 23.82
CA LEU B 389 -17.11 11.91 23.68
C LEU B 389 -17.54 13.02 24.63
N GLY B 390 -18.85 13.22 24.74
CA GLY B 390 -19.38 14.26 25.60
C GLY B 390 -19.06 14.08 27.07
N ALA B 391 -19.03 12.83 27.54
CA ALA B 391 -18.75 12.57 28.94
C ALA B 391 -17.27 12.75 29.24
N PHE B 392 -16.41 12.38 28.28
CA PHE B 392 -14.97 12.51 28.42
C PHE B 392 -14.63 13.99 28.54
N ILE B 393 -15.28 14.80 27.70
CA ILE B 393 -15.04 16.24 27.72
C ILE B 393 -15.49 16.79 29.07
N ALA B 394 -16.63 16.33 29.55
CA ALA B 394 -17.16 16.78 30.84
C ALA B 394 -16.22 16.43 31.99
N GLU B 395 -15.74 15.20 32.02
CA GLU B 395 -14.83 14.75 33.07
C GLU B 395 -13.60 15.65 33.14
N LEU B 396 -13.02 15.96 31.98
CA LEU B 396 -11.85 16.82 31.95
C LEU B 396 -12.26 18.25 32.32
N THR B 397 -13.38 18.70 31.77
CA THR B 397 -13.90 20.04 32.06
C THR B 397 -14.46 20.01 33.48
N GLY B 398 -13.56 19.90 34.43
CA GLY B 398 -13.93 19.85 35.83
C GLY B 398 -12.65 19.64 36.59
N LEU B 399 -11.87 18.66 36.12
CA LEU B 399 -10.59 18.37 36.74
C LEU B 399 -9.70 19.60 36.63
N TYR B 400 -9.89 20.34 35.55
CA TYR B 400 -9.09 21.52 35.30
C TYR B 400 -9.89 22.81 35.50
N ALA B 401 -11.03 22.69 36.18
CA ALA B 401 -11.89 23.84 36.44
C ALA B 401 -11.12 25.00 37.07
N ASP B 402 -9.90 24.74 37.54
CA ASP B 402 -9.08 25.76 38.16
C ASP B 402 -7.77 26.04 37.43
#